data_1R1B
# 
_entry.id   1R1B 
# 
_audit_conform.dict_name       mmcif_pdbx.dic 
_audit_conform.dict_version    5.383 
_audit_conform.dict_location   http://mmcif.pdb.org/dictionaries/ascii/mmcif_pdbx.dic 
# 
loop_
_database_2.database_id 
_database_2.database_code 
_database_2.pdbx_database_accession 
_database_2.pdbx_DOI 
PDB   1R1B         pdb_00001r1b 10.2210/pdb1r1b/pdb 
RCSB  RCSB000291   ?            ?                   
WWPDB D_1000000291 ?            ?                   
# 
loop_
_pdbx_audit_revision_history.ordinal 
_pdbx_audit_revision_history.data_content_type 
_pdbx_audit_revision_history.major_revision 
_pdbx_audit_revision_history.minor_revision 
_pdbx_audit_revision_history.revision_date 
1 'Structure model' 1 0 1999-12-15 
2 'Structure model' 1 1 2008-04-26 
3 'Structure model' 1 2 2011-07-13 
4 'Structure model' 1 3 2022-03-02 
5 'Structure model' 1 4 2023-12-27 
# 
_pdbx_audit_revision_details.ordinal             1 
_pdbx_audit_revision_details.revision_ordinal    1 
_pdbx_audit_revision_details.data_content_type   'Structure model' 
_pdbx_audit_revision_details.provider            repository 
_pdbx_audit_revision_details.type                'Initial release' 
_pdbx_audit_revision_details.description         ? 
_pdbx_audit_revision_details.details             ? 
# 
loop_
_pdbx_audit_revision_group.ordinal 
_pdbx_audit_revision_group.revision_ordinal 
_pdbx_audit_revision_group.data_content_type 
_pdbx_audit_revision_group.group 
1 2 'Structure model' 'Version format compliance' 
2 3 'Structure model' 'Version format compliance' 
3 4 'Structure model' 'Database references'       
4 4 'Structure model' 'Derived calculations'      
5 5 'Structure model' 'Data collection'           
# 
loop_
_pdbx_audit_revision_category.ordinal 
_pdbx_audit_revision_category.revision_ordinal 
_pdbx_audit_revision_category.data_content_type 
_pdbx_audit_revision_category.category 
1 4 'Structure model' database_2            
2 4 'Structure model' pdbx_struct_assembly  
3 4 'Structure model' pdbx_struct_oper_list 
4 5 'Structure model' chem_comp_atom        
5 5 'Structure model' chem_comp_bond        
# 
loop_
_pdbx_audit_revision_item.ordinal 
_pdbx_audit_revision_item.revision_ordinal 
_pdbx_audit_revision_item.data_content_type 
_pdbx_audit_revision_item.item 
1 4 'Structure model' '_database_2.pdbx_DOI'                
2 4 'Structure model' '_database_2.pdbx_database_accession' 
# 
_pdbx_database_status.status_code                     REL 
_pdbx_database_status.entry_id                        1R1B 
_pdbx_database_status.recvd_initial_deposition_date   1998-12-15 
_pdbx_database_status.deposit_site                    PDBE 
_pdbx_database_status.process_site                    RCSB 
_pdbx_database_status.SG_entry                        . 
_pdbx_database_status.pdb_format_compatible           Y 
_pdbx_database_status.status_code_mr                  ? 
_pdbx_database_status.status_code_sf                  ? 
_pdbx_database_status.status_code_cs                  ? 
_pdbx_database_status.status_code_nmr_data            ? 
_pdbx_database_status.methods_development_category    ? 
# 
loop_
_audit_author.name 
_audit_author.pdbx_ordinal 
'Cahuzac, B.'     1 
'Berthonneau, E.' 2 
'Birlirakis, N.'  3 
'Mirande, M.'     4 
'Guittet, E.'     5 
# 
_citation.id                        primary 
_citation.title                     'A recurrent RNA-binding domain is appended to eukaryotic aminoacyl-tRNA synthetases.' 
_citation.journal_abbrev            'EMBO J.' 
_citation.journal_volume            19 
_citation.page_first                445 
_citation.page_last                 452 
_citation.year                      2000 
_citation.journal_id_ASTM           EMJODG 
_citation.country                   UK 
_citation.journal_id_ISSN           0261-4189 
_citation.journal_id_CSD            0897 
_citation.book_publisher            ? 
_citation.pdbx_database_id_PubMed   10654942 
_citation.pdbx_database_id_DOI      10.1093/emboj/19.3.445 
# 
loop_
_citation_author.citation_id 
_citation_author.name 
_citation_author.ordinal 
_citation_author.identifier_ORCID 
primary 'Cahuzac, B.'     1 ? 
primary 'Berthonneau, E.' 2 ? 
primary 'Birlirakis, N.'  3 ? 
primary 'Guittet, E.'     4 ? 
primary 'Mirande, M.'     5 ? 
# 
_entity.id                         1 
_entity.type                       polymer 
_entity.src_method                 man 
_entity.pdbx_description           'TRNA SYNTHETASE' 
_entity.formula_weight             6721.820 
_entity.pdbx_number_of_molecules   1 
_entity.pdbx_ec                    6.1.1.- 
_entity.pdbx_mutation              ? 
_entity.pdbx_fragment              'RESIDUES 1 - 59' 
_entity.details                    ? 
# 
_entity_name_com.entity_id   1 
_entity_name_com.name        'TRNA LIGASE' 
# 
_entity_poly.entity_id                      1 
_entity_poly.type                           'polypeptide(L)' 
_entity_poly.nstd_linkage                   no 
_entity_poly.nstd_monomer                   no 
_entity_poly.pdbx_seq_one_letter_code       MVYDKIAAQGEVVRKLKAEKAPKAKVTEAVECLLSLKAEYKEKTGKEYVPGLEHHHHHH 
_entity_poly.pdbx_seq_one_letter_code_can   MVYDKIAAQGEVVRKLKAEKAPKAKVTEAVECLLSLKAEYKEKTGKEYVPGLEHHHHHH 
_entity_poly.pdbx_strand_id                 A 
_entity_poly.pdbx_target_identifier         ? 
# 
loop_
_entity_poly_seq.entity_id 
_entity_poly_seq.num 
_entity_poly_seq.mon_id 
_entity_poly_seq.hetero 
1 1  MET n 
1 2  VAL n 
1 3  TYR n 
1 4  ASP n 
1 5  LYS n 
1 6  ILE n 
1 7  ALA n 
1 8  ALA n 
1 9  GLN n 
1 10 GLY n 
1 11 GLU n 
1 12 VAL n 
1 13 VAL n 
1 14 ARG n 
1 15 LYS n 
1 16 LEU n 
1 17 LYS n 
1 18 ALA n 
1 19 GLU n 
1 20 LYS n 
1 21 ALA n 
1 22 PRO n 
1 23 LYS n 
1 24 ALA n 
1 25 LYS n 
1 26 VAL n 
1 27 THR n 
1 28 GLU n 
1 29 ALA n 
1 30 VAL n 
1 31 GLU n 
1 32 CYS n 
1 33 LEU n 
1 34 LEU n 
1 35 SER n 
1 36 LEU n 
1 37 LYS n 
1 38 ALA n 
1 39 GLU n 
1 40 TYR n 
1 41 LYS n 
1 42 GLU n 
1 43 LYS n 
1 44 THR n 
1 45 GLY n 
1 46 LYS n 
1 47 GLU n 
1 48 TYR n 
1 49 VAL n 
1 50 PRO n 
1 51 GLY n 
1 52 LEU n 
1 53 GLU n 
1 54 HIS n 
1 55 HIS n 
1 56 HIS n 
1 57 HIS n 
1 58 HIS n 
1 59 HIS n 
# 
_entity_src_gen.entity_id                          1 
_entity_src_gen.pdbx_src_id                        1 
_entity_src_gen.pdbx_alt_source_flag               sample 
_entity_src_gen.pdbx_seq_type                      ? 
_entity_src_gen.pdbx_beg_seq_num                   ? 
_entity_src_gen.pdbx_end_seq_num                   ? 
_entity_src_gen.gene_src_common_name               'Chinese hamster' 
_entity_src_gen.gene_src_genus                     Cricetulus 
_entity_src_gen.pdbx_gene_src_gene                 ? 
_entity_src_gen.gene_src_species                   ? 
_entity_src_gen.gene_src_strain                    ? 
_entity_src_gen.gene_src_tissue                    ? 
_entity_src_gen.gene_src_tissue_fraction           ? 
_entity_src_gen.gene_src_details                   ? 
_entity_src_gen.pdbx_gene_src_fragment             ? 
_entity_src_gen.pdbx_gene_src_scientific_name      'Cricetulus griseus' 
_entity_src_gen.pdbx_gene_src_ncbi_taxonomy_id     10029 
_entity_src_gen.pdbx_gene_src_variant              ? 
_entity_src_gen.pdbx_gene_src_cell_line            ? 
_entity_src_gen.pdbx_gene_src_atcc                 ? 
_entity_src_gen.pdbx_gene_src_organ                'OVARY CELLS' 
_entity_src_gen.pdbx_gene_src_organelle            ? 
_entity_src_gen.pdbx_gene_src_cell                 ? 
_entity_src_gen.pdbx_gene_src_cellular_location    ? 
_entity_src_gen.host_org_common_name               ? 
_entity_src_gen.pdbx_host_org_scientific_name      'Escherichia coli' 
_entity_src_gen.pdbx_host_org_ncbi_taxonomy_id     562 
_entity_src_gen.host_org_genus                     Escherichia 
_entity_src_gen.pdbx_host_org_gene                 ? 
_entity_src_gen.pdbx_host_org_organ                ? 
_entity_src_gen.host_org_species                   ? 
_entity_src_gen.pdbx_host_org_tissue               ? 
_entity_src_gen.pdbx_host_org_tissue_fraction      ? 
_entity_src_gen.pdbx_host_org_strain               ? 
_entity_src_gen.pdbx_host_org_variant              ? 
_entity_src_gen.pdbx_host_org_cell_line            ? 
_entity_src_gen.pdbx_host_org_atcc                 ? 
_entity_src_gen.pdbx_host_org_culture_collection   ? 
_entity_src_gen.pdbx_host_org_cell                 ? 
_entity_src_gen.pdbx_host_org_organelle            ? 
_entity_src_gen.pdbx_host_org_cellular_location    ? 
_entity_src_gen.pdbx_host_org_vector_type          ? 
_entity_src_gen.pdbx_host_org_vector               ? 
_entity_src_gen.host_org_details                   ? 
_entity_src_gen.expression_system_id               ? 
_entity_src_gen.plasmid_name                       ? 
_entity_src_gen.plasmid_details                    ? 
_entity_src_gen.pdbx_description                   ? 
# 
loop_
_chem_comp.id 
_chem_comp.type 
_chem_comp.mon_nstd_flag 
_chem_comp.name 
_chem_comp.pdbx_synonyms 
_chem_comp.formula 
_chem_comp.formula_weight 
ALA 'L-peptide linking' y ALANINE         ? 'C3 H7 N O2'     89.093  
ARG 'L-peptide linking' y ARGININE        ? 'C6 H15 N4 O2 1' 175.209 
ASP 'L-peptide linking' y 'ASPARTIC ACID' ? 'C4 H7 N O4'     133.103 
CYS 'L-peptide linking' y CYSTEINE        ? 'C3 H7 N O2 S'   121.158 
GLN 'L-peptide linking' y GLUTAMINE       ? 'C5 H10 N2 O3'   146.144 
GLU 'L-peptide linking' y 'GLUTAMIC ACID' ? 'C5 H9 N O4'     147.129 
GLY 'peptide linking'   y GLYCINE         ? 'C2 H5 N O2'     75.067  
HIS 'L-peptide linking' y HISTIDINE       ? 'C6 H10 N3 O2 1' 156.162 
ILE 'L-peptide linking' y ISOLEUCINE      ? 'C6 H13 N O2'    131.173 
LEU 'L-peptide linking' y LEUCINE         ? 'C6 H13 N O2'    131.173 
LYS 'L-peptide linking' y LYSINE          ? 'C6 H15 N2 O2 1' 147.195 
MET 'L-peptide linking' y METHIONINE      ? 'C5 H11 N O2 S'  149.211 
PRO 'L-peptide linking' y PROLINE         ? 'C5 H9 N O2'     115.130 
SER 'L-peptide linking' y SERINE          ? 'C3 H7 N O3'     105.093 
THR 'L-peptide linking' y THREONINE       ? 'C4 H9 N O3'     119.119 
TYR 'L-peptide linking' y TYROSINE        ? 'C9 H11 N O3'    181.189 
VAL 'L-peptide linking' y VALINE          ? 'C5 H11 N O2'    117.146 
# 
loop_
_pdbx_poly_seq_scheme.asym_id 
_pdbx_poly_seq_scheme.entity_id 
_pdbx_poly_seq_scheme.seq_id 
_pdbx_poly_seq_scheme.mon_id 
_pdbx_poly_seq_scheme.ndb_seq_num 
_pdbx_poly_seq_scheme.pdb_seq_num 
_pdbx_poly_seq_scheme.auth_seq_num 
_pdbx_poly_seq_scheme.pdb_mon_id 
_pdbx_poly_seq_scheme.auth_mon_id 
_pdbx_poly_seq_scheme.pdb_strand_id 
_pdbx_poly_seq_scheme.pdb_ins_code 
_pdbx_poly_seq_scheme.hetero 
A 1 1  MET 1  1  1  MET MET A . n 
A 1 2  VAL 2  2  2  VAL VAL A . n 
A 1 3  TYR 3  3  3  TYR TYR A . n 
A 1 4  ASP 4  4  4  ASP ASP A . n 
A 1 5  LYS 5  5  5  LYS LYS A . n 
A 1 6  ILE 6  6  6  ILE ILE A . n 
A 1 7  ALA 7  7  7  ALA ALA A . n 
A 1 8  ALA 8  8  8  ALA ALA A . n 
A 1 9  GLN 9  9  9  GLN GLN A . n 
A 1 10 GLY 10 10 10 GLY GLY A . n 
A 1 11 GLU 11 11 11 GLU GLU A . n 
A 1 12 VAL 12 12 12 VAL VAL A . n 
A 1 13 VAL 13 13 13 VAL VAL A . n 
A 1 14 ARG 14 14 14 ARG ARG A . n 
A 1 15 LYS 15 15 15 LYS LYS A . n 
A 1 16 LEU 16 16 16 LEU LEU A . n 
A 1 17 LYS 17 17 17 LYS LYS A . n 
A 1 18 ALA 18 18 18 ALA ALA A . n 
A 1 19 GLU 19 19 19 GLU GLU A . n 
A 1 20 LYS 20 20 20 LYS LYS A . n 
A 1 21 ALA 21 21 21 ALA ALA A . n 
A 1 22 PRO 22 22 22 PRO PRO A . n 
A 1 23 LYS 23 23 23 LYS LYS A . n 
A 1 24 ALA 24 24 24 ALA ALA A . n 
A 1 25 LYS 25 25 25 LYS LYS A . n 
A 1 26 VAL 26 26 26 VAL VAL A . n 
A 1 27 THR 27 27 27 THR THR A . n 
A 1 28 GLU 28 28 28 GLU GLU A . n 
A 1 29 ALA 29 29 29 ALA ALA A . n 
A 1 30 VAL 30 30 30 VAL VAL A . n 
A 1 31 GLU 31 31 31 GLU GLU A . n 
A 1 32 CYS 32 32 32 CYS CYS A . n 
A 1 33 LEU 33 33 33 LEU LEU A . n 
A 1 34 LEU 34 34 34 LEU LEU A . n 
A 1 35 SER 35 35 35 SER SER A . n 
A 1 36 LEU 36 36 36 LEU LEU A . n 
A 1 37 LYS 37 37 37 LYS LYS A . n 
A 1 38 ALA 38 38 38 ALA ALA A . n 
A 1 39 GLU 39 39 39 GLU GLU A . n 
A 1 40 TYR 40 40 40 TYR TYR A . n 
A 1 41 LYS 41 41 41 LYS LYS A . n 
A 1 42 GLU 42 42 42 GLU GLU A . n 
A 1 43 LYS 43 43 43 LYS LYS A . n 
A 1 44 THR 44 44 44 THR THR A . n 
A 1 45 GLY 45 45 45 GLY GLY A . n 
A 1 46 LYS 46 46 46 LYS LYS A . n 
A 1 47 GLU 47 47 47 GLU GLU A . n 
A 1 48 TYR 48 48 48 TYR TYR A . n 
A 1 49 VAL 49 49 49 VAL VAL A . n 
A 1 50 PRO 50 50 50 PRO PRO A . n 
A 1 51 GLY 51 51 51 GLY GLY A . n 
A 1 52 LEU 52 52 52 LEU LEU A . n 
A 1 53 GLU 53 53 53 GLU GLU A . n 
A 1 54 HIS 54 54 54 HIS HIS A . n 
A 1 55 HIS 55 55 55 HIS HIS A . n 
A 1 56 HIS 56 56 56 HIS HIS A . n 
A 1 57 HIS 57 57 ?  ?   ?   A . n 
A 1 58 HIS 58 58 ?  ?   ?   A . n 
A 1 59 HIS 59 59 ?  ?   ?   A . n 
# 
_cell.entry_id           1R1B 
_cell.length_a           1.000 
_cell.length_b           1.000 
_cell.length_c           1.000 
_cell.angle_alpha        90.00 
_cell.angle_beta         90.00 
_cell.angle_gamma        90.00 
_cell.Z_PDB              1 
_cell.pdbx_unique_axis   ? 
# 
_symmetry.entry_id                         1R1B 
_symmetry.space_group_name_H-M             'P 1' 
_symmetry.pdbx_full_space_group_name_H-M   ? 
_symmetry.cell_setting                     ? 
_symmetry.Int_Tables_number                1 
# 
_exptl.entry_id          1R1B 
_exptl.method            'SOLUTION NMR' 
_exptl.crystals_number   ? 
# 
_struct.entry_id                  1R1B 
_struct.title                     'EPRS SECOND REPEATED ELEMENT, NMR, MINIMIZED AVERAGE STRUCTURE' 
_struct.pdbx_model_details        ? 
_struct.pdbx_CASP_flag            ? 
_struct.pdbx_model_type_details   ? 
# 
_struct_keywords.entry_id        1R1B 
_struct_keywords.pdbx_keywords   LIGASE 
_struct_keywords.text            'TRNA SYNTHETASE (LIGASE), PROTEIN TRANSCRIPTION, LIGASE' 
# 
_struct_asym.id                            A 
_struct_asym.pdbx_blank_PDB_chainid_flag   N 
_struct_asym.pdbx_modified                 N 
_struct_asym.entity_id                     1 
_struct_asym.details                       ? 
# 
_struct_ref.id                         1 
_struct_ref.db_name                    UNP 
_struct_ref.db_code                    SYEP_CRIGR 
_struct_ref.pdbx_db_accession          Q7SIA2 
_struct_ref.entity_id                  1 
_struct_ref.pdbx_align_begin           1 
_struct_ref.pdbx_db_isoform            ? 
_struct_ref.pdbx_seq_one_letter_code   ? 
# 
_struct_ref_seq.align_id                      1 
_struct_ref_seq.ref_id                        1 
_struct_ref_seq.pdbx_PDB_id_code              1R1B 
_struct_ref_seq.pdbx_strand_id                A 
_struct_ref_seq.seq_align_beg                 3 
_struct_ref_seq.pdbx_seq_align_beg_ins_code   ? 
_struct_ref_seq.seq_align_end                 51 
_struct_ref_seq.pdbx_seq_align_end_ins_code   ? 
_struct_ref_seq.pdbx_db_accession             Q7SIA2 
_struct_ref_seq.db_align_beg                  1 
_struct_ref_seq.pdbx_db_align_beg_ins_code    ? 
_struct_ref_seq.db_align_end                  49 
_struct_ref_seq.pdbx_db_align_end_ins_code    ? 
_struct_ref_seq.pdbx_auth_seq_align_beg       3 
_struct_ref_seq.pdbx_auth_seq_align_end       51 
# 
_pdbx_struct_assembly.id                   1 
_pdbx_struct_assembly.details              author_defined_assembly 
_pdbx_struct_assembly.method_details       ? 
_pdbx_struct_assembly.oligomeric_details   monomeric 
_pdbx_struct_assembly.oligomeric_count     1 
# 
_pdbx_struct_assembly_gen.assembly_id       1 
_pdbx_struct_assembly_gen.oper_expression   1 
_pdbx_struct_assembly_gen.asym_id_list      A 
# 
_pdbx_struct_oper_list.id                   1 
_pdbx_struct_oper_list.type                 'identity operation' 
_pdbx_struct_oper_list.name                 1_555 
_pdbx_struct_oper_list.symmetry_operation   x,y,z 
_pdbx_struct_oper_list.matrix[1][1]         1.0000000000 
_pdbx_struct_oper_list.matrix[1][2]         0.0000000000 
_pdbx_struct_oper_list.matrix[1][3]         0.0000000000 
_pdbx_struct_oper_list.vector[1]            0.0000000000 
_pdbx_struct_oper_list.matrix[2][1]         0.0000000000 
_pdbx_struct_oper_list.matrix[2][2]         1.0000000000 
_pdbx_struct_oper_list.matrix[2][3]         0.0000000000 
_pdbx_struct_oper_list.vector[2]            0.0000000000 
_pdbx_struct_oper_list.matrix[3][1]         0.0000000000 
_pdbx_struct_oper_list.matrix[3][2]         0.0000000000 
_pdbx_struct_oper_list.matrix[3][3]         1.0000000000 
_pdbx_struct_oper_list.vector[3]            0.0000000000 
# 
_struct_biol.id   1 
# 
loop_
_struct_conf.conf_type_id 
_struct_conf.id 
_struct_conf.pdbx_PDB_helix_id 
_struct_conf.beg_label_comp_id 
_struct_conf.beg_label_asym_id 
_struct_conf.beg_label_seq_id 
_struct_conf.pdbx_beg_PDB_ins_code 
_struct_conf.end_label_comp_id 
_struct_conf.end_label_asym_id 
_struct_conf.end_label_seq_id 
_struct_conf.pdbx_end_PDB_ins_code 
_struct_conf.beg_auth_comp_id 
_struct_conf.beg_auth_asym_id 
_struct_conf.beg_auth_seq_id 
_struct_conf.end_auth_comp_id 
_struct_conf.end_auth_asym_id 
_struct_conf.end_auth_seq_id 
_struct_conf.pdbx_PDB_helix_class 
_struct_conf.details 
_struct_conf.pdbx_PDB_helix_length 
HELX_P HELX_P1 1 ASP A 4  ? GLU A 19 ? ASP A 4  GLU A 19 1 ? 16 
HELX_P HELX_P2 2 LYS A 23 ? TYR A 40 ? LYS A 23 TYR A 40 1 ? 18 
# 
_struct_conf_type.id          HELX_P 
_struct_conf_type.criteria    ? 
_struct_conf_type.reference   ? 
# 
loop_
_pdbx_validate_torsion.id 
_pdbx_validate_torsion.PDB_model_num 
_pdbx_validate_torsion.auth_comp_id 
_pdbx_validate_torsion.auth_asym_id 
_pdbx_validate_torsion.auth_seq_id 
_pdbx_validate_torsion.PDB_ins_code 
_pdbx_validate_torsion.label_alt_id 
_pdbx_validate_torsion.phi 
_pdbx_validate_torsion.psi 
1  1 ASP A 4  ? ? -69.28  -104.76 
2  1 ALA A 8  ? ? -36.68  -71.08  
3  1 LYS A 20 ? ? 75.02   100.67  
4  1 TYR A 40 ? ? -53.47  -89.09  
5  1 LYS A 41 ? ? 31.10   48.33   
6  1 GLU A 42 ? ? -75.10  -73.41  
7  1 LYS A 43 ? ? -171.31 41.44   
8  1 THR A 44 ? ? -135.30 -68.01  
9  1 LYS A 46 ? ? 62.62   102.94  
10 1 TYR A 48 ? ? -39.54  145.95  
11 1 LEU A 52 ? ? -90.06  -76.12  
12 1 HIS A 54 ? ? 79.72   53.11   
# 
_pdbx_nmr_ensemble.entry_id                                      1R1B 
_pdbx_nmr_ensemble.conformers_calculated_total_number            20 
_pdbx_nmr_ensemble.conformers_submitted_total_number             1 
_pdbx_nmr_ensemble.conformer_selection_criteria                  'LEAST RESTRAINT VIOLATION' 
_pdbx_nmr_ensemble.average_constraints_per_residue               ? 
_pdbx_nmr_ensemble.average_constraint_violations_per_residue     ? 
_pdbx_nmr_ensemble.maximum_distance_constraint_violation         ? 
_pdbx_nmr_ensemble.average_distance_constraint_violation         ? 
_pdbx_nmr_ensemble.maximum_upper_distance_constraint_violation   ? 
_pdbx_nmr_ensemble.maximum_lower_distance_constraint_violation   ? 
_pdbx_nmr_ensemble.distance_constraint_violation_method          ? 
_pdbx_nmr_ensemble.maximum_torsion_angle_constraint_violation    ? 
_pdbx_nmr_ensemble.average_torsion_angle_constraint_violation    ? 
_pdbx_nmr_ensemble.torsion_angle_constraint_violation_method     ? 
# 
_pdbx_nmr_exptl_sample_conditions.conditions_id       1 
_pdbx_nmr_exptl_sample_conditions.temperature         293.0 
_pdbx_nmr_exptl_sample_conditions.pressure            1 
_pdbx_nmr_exptl_sample_conditions.pH                  7.0 
_pdbx_nmr_exptl_sample_conditions.ionic_strength      ? 
_pdbx_nmr_exptl_sample_conditions.pressure_units      atm 
_pdbx_nmr_exptl_sample_conditions.temperature_units   K 
# 
loop_
_pdbx_nmr_exptl.experiment_id 
_pdbx_nmr_exptl.conditions_id 
_pdbx_nmr_exptl.type 
_pdbx_nmr_exptl.solution_id 
1 1 NOESY      1 
2 1 NOESY-HSQC 1 
# 
_pdbx_nmr_details.entry_id   1R1B 
_pdbx_nmr_details.text       
'MINIMIZED AVERAGE STRUCTURE. THE STRUCTURE WAS DETERMINED USING DOUBLE-- RESONANCE NMR SPECTROSCOPY ON A 15N-LABELED SAMPLE' 
# 
_pdbx_nmr_refine.entry_id           1R1B 
_pdbx_nmr_refine.method             'DISTANCE GEOMETRY AND SIMULATED ANNEALING' 
_pdbx_nmr_refine.details            ? 
_pdbx_nmr_refine.software_ordinal   1 
# 
loop_
_pdbx_nmr_software.classification 
_pdbx_nmr_software.name 
_pdbx_nmr_software.version 
_pdbx_nmr_software.authors 
_pdbx_nmr_software.ordinal 
refinement           X-PLOR 3.1 BRUNGER 1 
'structure solution' DIANA  ?   ?       2 
'structure solution' X-PLOR 3.1 ?       3 
# 
loop_
_pdbx_unobs_or_zero_occ_residues.id 
_pdbx_unobs_or_zero_occ_residues.PDB_model_num 
_pdbx_unobs_or_zero_occ_residues.polymer_flag 
_pdbx_unobs_or_zero_occ_residues.occupancy_flag 
_pdbx_unobs_or_zero_occ_residues.auth_asym_id 
_pdbx_unobs_or_zero_occ_residues.auth_comp_id 
_pdbx_unobs_or_zero_occ_residues.auth_seq_id 
_pdbx_unobs_or_zero_occ_residues.PDB_ins_code 
_pdbx_unobs_or_zero_occ_residues.label_asym_id 
_pdbx_unobs_or_zero_occ_residues.label_comp_id 
_pdbx_unobs_or_zero_occ_residues.label_seq_id 
1 1 Y 1 A HIS 57 ? A HIS 57 
2 1 Y 1 A HIS 58 ? A HIS 58 
3 1 Y 1 A HIS 59 ? A HIS 59 
# 
loop_
_chem_comp_atom.comp_id 
_chem_comp_atom.atom_id 
_chem_comp_atom.type_symbol 
_chem_comp_atom.pdbx_aromatic_flag 
_chem_comp_atom.pdbx_stereo_config 
_chem_comp_atom.pdbx_ordinal 
ALA N    N N N 1   
ALA CA   C N S 2   
ALA C    C N N 3   
ALA O    O N N 4   
ALA CB   C N N 5   
ALA OXT  O N N 6   
ALA H    H N N 7   
ALA H2   H N N 8   
ALA HA   H N N 9   
ALA HB1  H N N 10  
ALA HB2  H N N 11  
ALA HB3  H N N 12  
ALA HXT  H N N 13  
ARG N    N N N 14  
ARG CA   C N S 15  
ARG C    C N N 16  
ARG O    O N N 17  
ARG CB   C N N 18  
ARG CG   C N N 19  
ARG CD   C N N 20  
ARG NE   N N N 21  
ARG CZ   C N N 22  
ARG NH1  N N N 23  
ARG NH2  N N N 24  
ARG OXT  O N N 25  
ARG H    H N N 26  
ARG H2   H N N 27  
ARG HA   H N N 28  
ARG HB2  H N N 29  
ARG HB3  H N N 30  
ARG HG2  H N N 31  
ARG HG3  H N N 32  
ARG HD2  H N N 33  
ARG HD3  H N N 34  
ARG HE   H N N 35  
ARG HH11 H N N 36  
ARG HH12 H N N 37  
ARG HH21 H N N 38  
ARG HH22 H N N 39  
ARG HXT  H N N 40  
ASP N    N N N 41  
ASP CA   C N S 42  
ASP C    C N N 43  
ASP O    O N N 44  
ASP CB   C N N 45  
ASP CG   C N N 46  
ASP OD1  O N N 47  
ASP OD2  O N N 48  
ASP OXT  O N N 49  
ASP H    H N N 50  
ASP H2   H N N 51  
ASP HA   H N N 52  
ASP HB2  H N N 53  
ASP HB3  H N N 54  
ASP HD2  H N N 55  
ASP HXT  H N N 56  
CYS N    N N N 57  
CYS CA   C N R 58  
CYS C    C N N 59  
CYS O    O N N 60  
CYS CB   C N N 61  
CYS SG   S N N 62  
CYS OXT  O N N 63  
CYS H    H N N 64  
CYS H2   H N N 65  
CYS HA   H N N 66  
CYS HB2  H N N 67  
CYS HB3  H N N 68  
CYS HG   H N N 69  
CYS HXT  H N N 70  
GLN N    N N N 71  
GLN CA   C N S 72  
GLN C    C N N 73  
GLN O    O N N 74  
GLN CB   C N N 75  
GLN CG   C N N 76  
GLN CD   C N N 77  
GLN OE1  O N N 78  
GLN NE2  N N N 79  
GLN OXT  O N N 80  
GLN H    H N N 81  
GLN H2   H N N 82  
GLN HA   H N N 83  
GLN HB2  H N N 84  
GLN HB3  H N N 85  
GLN HG2  H N N 86  
GLN HG3  H N N 87  
GLN HE21 H N N 88  
GLN HE22 H N N 89  
GLN HXT  H N N 90  
GLU N    N N N 91  
GLU CA   C N S 92  
GLU C    C N N 93  
GLU O    O N N 94  
GLU CB   C N N 95  
GLU CG   C N N 96  
GLU CD   C N N 97  
GLU OE1  O N N 98  
GLU OE2  O N N 99  
GLU OXT  O N N 100 
GLU H    H N N 101 
GLU H2   H N N 102 
GLU HA   H N N 103 
GLU HB2  H N N 104 
GLU HB3  H N N 105 
GLU HG2  H N N 106 
GLU HG3  H N N 107 
GLU HE2  H N N 108 
GLU HXT  H N N 109 
GLY N    N N N 110 
GLY CA   C N N 111 
GLY C    C N N 112 
GLY O    O N N 113 
GLY OXT  O N N 114 
GLY H    H N N 115 
GLY H2   H N N 116 
GLY HA2  H N N 117 
GLY HA3  H N N 118 
GLY HXT  H N N 119 
HIS N    N N N 120 
HIS CA   C N S 121 
HIS C    C N N 122 
HIS O    O N N 123 
HIS CB   C N N 124 
HIS CG   C Y N 125 
HIS ND1  N Y N 126 
HIS CD2  C Y N 127 
HIS CE1  C Y N 128 
HIS NE2  N Y N 129 
HIS OXT  O N N 130 
HIS H    H N N 131 
HIS H2   H N N 132 
HIS HA   H N N 133 
HIS HB2  H N N 134 
HIS HB3  H N N 135 
HIS HD1  H N N 136 
HIS HD2  H N N 137 
HIS HE1  H N N 138 
HIS HE2  H N N 139 
HIS HXT  H N N 140 
ILE N    N N N 141 
ILE CA   C N S 142 
ILE C    C N N 143 
ILE O    O N N 144 
ILE CB   C N S 145 
ILE CG1  C N N 146 
ILE CG2  C N N 147 
ILE CD1  C N N 148 
ILE OXT  O N N 149 
ILE H    H N N 150 
ILE H2   H N N 151 
ILE HA   H N N 152 
ILE HB   H N N 153 
ILE HG12 H N N 154 
ILE HG13 H N N 155 
ILE HG21 H N N 156 
ILE HG22 H N N 157 
ILE HG23 H N N 158 
ILE HD11 H N N 159 
ILE HD12 H N N 160 
ILE HD13 H N N 161 
ILE HXT  H N N 162 
LEU N    N N N 163 
LEU CA   C N S 164 
LEU C    C N N 165 
LEU O    O N N 166 
LEU CB   C N N 167 
LEU CG   C N N 168 
LEU CD1  C N N 169 
LEU CD2  C N N 170 
LEU OXT  O N N 171 
LEU H    H N N 172 
LEU H2   H N N 173 
LEU HA   H N N 174 
LEU HB2  H N N 175 
LEU HB3  H N N 176 
LEU HG   H N N 177 
LEU HD11 H N N 178 
LEU HD12 H N N 179 
LEU HD13 H N N 180 
LEU HD21 H N N 181 
LEU HD22 H N N 182 
LEU HD23 H N N 183 
LEU HXT  H N N 184 
LYS N    N N N 185 
LYS CA   C N S 186 
LYS C    C N N 187 
LYS O    O N N 188 
LYS CB   C N N 189 
LYS CG   C N N 190 
LYS CD   C N N 191 
LYS CE   C N N 192 
LYS NZ   N N N 193 
LYS OXT  O N N 194 
LYS H    H N N 195 
LYS H2   H N N 196 
LYS HA   H N N 197 
LYS HB2  H N N 198 
LYS HB3  H N N 199 
LYS HG2  H N N 200 
LYS HG3  H N N 201 
LYS HD2  H N N 202 
LYS HD3  H N N 203 
LYS HE2  H N N 204 
LYS HE3  H N N 205 
LYS HZ1  H N N 206 
LYS HZ2  H N N 207 
LYS HZ3  H N N 208 
LYS HXT  H N N 209 
MET N    N N N 210 
MET CA   C N S 211 
MET C    C N N 212 
MET O    O N N 213 
MET CB   C N N 214 
MET CG   C N N 215 
MET SD   S N N 216 
MET CE   C N N 217 
MET OXT  O N N 218 
MET H    H N N 219 
MET H2   H N N 220 
MET HA   H N N 221 
MET HB2  H N N 222 
MET HB3  H N N 223 
MET HG2  H N N 224 
MET HG3  H N N 225 
MET HE1  H N N 226 
MET HE2  H N N 227 
MET HE3  H N N 228 
MET HXT  H N N 229 
PRO N    N N N 230 
PRO CA   C N S 231 
PRO C    C N N 232 
PRO O    O N N 233 
PRO CB   C N N 234 
PRO CG   C N N 235 
PRO CD   C N N 236 
PRO OXT  O N N 237 
PRO H    H N N 238 
PRO HA   H N N 239 
PRO HB2  H N N 240 
PRO HB3  H N N 241 
PRO HG2  H N N 242 
PRO HG3  H N N 243 
PRO HD2  H N N 244 
PRO HD3  H N N 245 
PRO HXT  H N N 246 
SER N    N N N 247 
SER CA   C N S 248 
SER C    C N N 249 
SER O    O N N 250 
SER CB   C N N 251 
SER OG   O N N 252 
SER OXT  O N N 253 
SER H    H N N 254 
SER H2   H N N 255 
SER HA   H N N 256 
SER HB2  H N N 257 
SER HB3  H N N 258 
SER HG   H N N 259 
SER HXT  H N N 260 
THR N    N N N 261 
THR CA   C N S 262 
THR C    C N N 263 
THR O    O N N 264 
THR CB   C N R 265 
THR OG1  O N N 266 
THR CG2  C N N 267 
THR OXT  O N N 268 
THR H    H N N 269 
THR H2   H N N 270 
THR HA   H N N 271 
THR HB   H N N 272 
THR HG1  H N N 273 
THR HG21 H N N 274 
THR HG22 H N N 275 
THR HG23 H N N 276 
THR HXT  H N N 277 
TYR N    N N N 278 
TYR CA   C N S 279 
TYR C    C N N 280 
TYR O    O N N 281 
TYR CB   C N N 282 
TYR CG   C Y N 283 
TYR CD1  C Y N 284 
TYR CD2  C Y N 285 
TYR CE1  C Y N 286 
TYR CE2  C Y N 287 
TYR CZ   C Y N 288 
TYR OH   O N N 289 
TYR OXT  O N N 290 
TYR H    H N N 291 
TYR H2   H N N 292 
TYR HA   H N N 293 
TYR HB2  H N N 294 
TYR HB3  H N N 295 
TYR HD1  H N N 296 
TYR HD2  H N N 297 
TYR HE1  H N N 298 
TYR HE2  H N N 299 
TYR HH   H N N 300 
TYR HXT  H N N 301 
VAL N    N N N 302 
VAL CA   C N S 303 
VAL C    C N N 304 
VAL O    O N N 305 
VAL CB   C N N 306 
VAL CG1  C N N 307 
VAL CG2  C N N 308 
VAL OXT  O N N 309 
VAL H    H N N 310 
VAL H2   H N N 311 
VAL HA   H N N 312 
VAL HB   H N N 313 
VAL HG11 H N N 314 
VAL HG12 H N N 315 
VAL HG13 H N N 316 
VAL HG21 H N N 317 
VAL HG22 H N N 318 
VAL HG23 H N N 319 
VAL HXT  H N N 320 
# 
loop_
_chem_comp_bond.comp_id 
_chem_comp_bond.atom_id_1 
_chem_comp_bond.atom_id_2 
_chem_comp_bond.value_order 
_chem_comp_bond.pdbx_aromatic_flag 
_chem_comp_bond.pdbx_stereo_config 
_chem_comp_bond.pdbx_ordinal 
ALA N   CA   sing N N 1   
ALA N   H    sing N N 2   
ALA N   H2   sing N N 3   
ALA CA  C    sing N N 4   
ALA CA  CB   sing N N 5   
ALA CA  HA   sing N N 6   
ALA C   O    doub N N 7   
ALA C   OXT  sing N N 8   
ALA CB  HB1  sing N N 9   
ALA CB  HB2  sing N N 10  
ALA CB  HB3  sing N N 11  
ALA OXT HXT  sing N N 12  
ARG N   CA   sing N N 13  
ARG N   H    sing N N 14  
ARG N   H2   sing N N 15  
ARG CA  C    sing N N 16  
ARG CA  CB   sing N N 17  
ARG CA  HA   sing N N 18  
ARG C   O    doub N N 19  
ARG C   OXT  sing N N 20  
ARG CB  CG   sing N N 21  
ARG CB  HB2  sing N N 22  
ARG CB  HB3  sing N N 23  
ARG CG  CD   sing N N 24  
ARG CG  HG2  sing N N 25  
ARG CG  HG3  sing N N 26  
ARG CD  NE   sing N N 27  
ARG CD  HD2  sing N N 28  
ARG CD  HD3  sing N N 29  
ARG NE  CZ   sing N N 30  
ARG NE  HE   sing N N 31  
ARG CZ  NH1  sing N N 32  
ARG CZ  NH2  doub N N 33  
ARG NH1 HH11 sing N N 34  
ARG NH1 HH12 sing N N 35  
ARG NH2 HH21 sing N N 36  
ARG NH2 HH22 sing N N 37  
ARG OXT HXT  sing N N 38  
ASP N   CA   sing N N 39  
ASP N   H    sing N N 40  
ASP N   H2   sing N N 41  
ASP CA  C    sing N N 42  
ASP CA  CB   sing N N 43  
ASP CA  HA   sing N N 44  
ASP C   O    doub N N 45  
ASP C   OXT  sing N N 46  
ASP CB  CG   sing N N 47  
ASP CB  HB2  sing N N 48  
ASP CB  HB3  sing N N 49  
ASP CG  OD1  doub N N 50  
ASP CG  OD2  sing N N 51  
ASP OD2 HD2  sing N N 52  
ASP OXT HXT  sing N N 53  
CYS N   CA   sing N N 54  
CYS N   H    sing N N 55  
CYS N   H2   sing N N 56  
CYS CA  C    sing N N 57  
CYS CA  CB   sing N N 58  
CYS CA  HA   sing N N 59  
CYS C   O    doub N N 60  
CYS C   OXT  sing N N 61  
CYS CB  SG   sing N N 62  
CYS CB  HB2  sing N N 63  
CYS CB  HB3  sing N N 64  
CYS SG  HG   sing N N 65  
CYS OXT HXT  sing N N 66  
GLN N   CA   sing N N 67  
GLN N   H    sing N N 68  
GLN N   H2   sing N N 69  
GLN CA  C    sing N N 70  
GLN CA  CB   sing N N 71  
GLN CA  HA   sing N N 72  
GLN C   O    doub N N 73  
GLN C   OXT  sing N N 74  
GLN CB  CG   sing N N 75  
GLN CB  HB2  sing N N 76  
GLN CB  HB3  sing N N 77  
GLN CG  CD   sing N N 78  
GLN CG  HG2  sing N N 79  
GLN CG  HG3  sing N N 80  
GLN CD  OE1  doub N N 81  
GLN CD  NE2  sing N N 82  
GLN NE2 HE21 sing N N 83  
GLN NE2 HE22 sing N N 84  
GLN OXT HXT  sing N N 85  
GLU N   CA   sing N N 86  
GLU N   H    sing N N 87  
GLU N   H2   sing N N 88  
GLU CA  C    sing N N 89  
GLU CA  CB   sing N N 90  
GLU CA  HA   sing N N 91  
GLU C   O    doub N N 92  
GLU C   OXT  sing N N 93  
GLU CB  CG   sing N N 94  
GLU CB  HB2  sing N N 95  
GLU CB  HB3  sing N N 96  
GLU CG  CD   sing N N 97  
GLU CG  HG2  sing N N 98  
GLU CG  HG3  sing N N 99  
GLU CD  OE1  doub N N 100 
GLU CD  OE2  sing N N 101 
GLU OE2 HE2  sing N N 102 
GLU OXT HXT  sing N N 103 
GLY N   CA   sing N N 104 
GLY N   H    sing N N 105 
GLY N   H2   sing N N 106 
GLY CA  C    sing N N 107 
GLY CA  HA2  sing N N 108 
GLY CA  HA3  sing N N 109 
GLY C   O    doub N N 110 
GLY C   OXT  sing N N 111 
GLY OXT HXT  sing N N 112 
HIS N   CA   sing N N 113 
HIS N   H    sing N N 114 
HIS N   H2   sing N N 115 
HIS CA  C    sing N N 116 
HIS CA  CB   sing N N 117 
HIS CA  HA   sing N N 118 
HIS C   O    doub N N 119 
HIS C   OXT  sing N N 120 
HIS CB  CG   sing N N 121 
HIS CB  HB2  sing N N 122 
HIS CB  HB3  sing N N 123 
HIS CG  ND1  sing Y N 124 
HIS CG  CD2  doub Y N 125 
HIS ND1 CE1  doub Y N 126 
HIS ND1 HD1  sing N N 127 
HIS CD2 NE2  sing Y N 128 
HIS CD2 HD2  sing N N 129 
HIS CE1 NE2  sing Y N 130 
HIS CE1 HE1  sing N N 131 
HIS NE2 HE2  sing N N 132 
HIS OXT HXT  sing N N 133 
ILE N   CA   sing N N 134 
ILE N   H    sing N N 135 
ILE N   H2   sing N N 136 
ILE CA  C    sing N N 137 
ILE CA  CB   sing N N 138 
ILE CA  HA   sing N N 139 
ILE C   O    doub N N 140 
ILE C   OXT  sing N N 141 
ILE CB  CG1  sing N N 142 
ILE CB  CG2  sing N N 143 
ILE CB  HB   sing N N 144 
ILE CG1 CD1  sing N N 145 
ILE CG1 HG12 sing N N 146 
ILE CG1 HG13 sing N N 147 
ILE CG2 HG21 sing N N 148 
ILE CG2 HG22 sing N N 149 
ILE CG2 HG23 sing N N 150 
ILE CD1 HD11 sing N N 151 
ILE CD1 HD12 sing N N 152 
ILE CD1 HD13 sing N N 153 
ILE OXT HXT  sing N N 154 
LEU N   CA   sing N N 155 
LEU N   H    sing N N 156 
LEU N   H2   sing N N 157 
LEU CA  C    sing N N 158 
LEU CA  CB   sing N N 159 
LEU CA  HA   sing N N 160 
LEU C   O    doub N N 161 
LEU C   OXT  sing N N 162 
LEU CB  CG   sing N N 163 
LEU CB  HB2  sing N N 164 
LEU CB  HB3  sing N N 165 
LEU CG  CD1  sing N N 166 
LEU CG  CD2  sing N N 167 
LEU CG  HG   sing N N 168 
LEU CD1 HD11 sing N N 169 
LEU CD1 HD12 sing N N 170 
LEU CD1 HD13 sing N N 171 
LEU CD2 HD21 sing N N 172 
LEU CD2 HD22 sing N N 173 
LEU CD2 HD23 sing N N 174 
LEU OXT HXT  sing N N 175 
LYS N   CA   sing N N 176 
LYS N   H    sing N N 177 
LYS N   H2   sing N N 178 
LYS CA  C    sing N N 179 
LYS CA  CB   sing N N 180 
LYS CA  HA   sing N N 181 
LYS C   O    doub N N 182 
LYS C   OXT  sing N N 183 
LYS CB  CG   sing N N 184 
LYS CB  HB2  sing N N 185 
LYS CB  HB3  sing N N 186 
LYS CG  CD   sing N N 187 
LYS CG  HG2  sing N N 188 
LYS CG  HG3  sing N N 189 
LYS CD  CE   sing N N 190 
LYS CD  HD2  sing N N 191 
LYS CD  HD3  sing N N 192 
LYS CE  NZ   sing N N 193 
LYS CE  HE2  sing N N 194 
LYS CE  HE3  sing N N 195 
LYS NZ  HZ1  sing N N 196 
LYS NZ  HZ2  sing N N 197 
LYS NZ  HZ3  sing N N 198 
LYS OXT HXT  sing N N 199 
MET N   CA   sing N N 200 
MET N   H    sing N N 201 
MET N   H2   sing N N 202 
MET CA  C    sing N N 203 
MET CA  CB   sing N N 204 
MET CA  HA   sing N N 205 
MET C   O    doub N N 206 
MET C   OXT  sing N N 207 
MET CB  CG   sing N N 208 
MET CB  HB2  sing N N 209 
MET CB  HB3  sing N N 210 
MET CG  SD   sing N N 211 
MET CG  HG2  sing N N 212 
MET CG  HG3  sing N N 213 
MET SD  CE   sing N N 214 
MET CE  HE1  sing N N 215 
MET CE  HE2  sing N N 216 
MET CE  HE3  sing N N 217 
MET OXT HXT  sing N N 218 
PRO N   CA   sing N N 219 
PRO N   CD   sing N N 220 
PRO N   H    sing N N 221 
PRO CA  C    sing N N 222 
PRO CA  CB   sing N N 223 
PRO CA  HA   sing N N 224 
PRO C   O    doub N N 225 
PRO C   OXT  sing N N 226 
PRO CB  CG   sing N N 227 
PRO CB  HB2  sing N N 228 
PRO CB  HB3  sing N N 229 
PRO CG  CD   sing N N 230 
PRO CG  HG2  sing N N 231 
PRO CG  HG3  sing N N 232 
PRO CD  HD2  sing N N 233 
PRO CD  HD3  sing N N 234 
PRO OXT HXT  sing N N 235 
SER N   CA   sing N N 236 
SER N   H    sing N N 237 
SER N   H2   sing N N 238 
SER CA  C    sing N N 239 
SER CA  CB   sing N N 240 
SER CA  HA   sing N N 241 
SER C   O    doub N N 242 
SER C   OXT  sing N N 243 
SER CB  OG   sing N N 244 
SER CB  HB2  sing N N 245 
SER CB  HB3  sing N N 246 
SER OG  HG   sing N N 247 
SER OXT HXT  sing N N 248 
THR N   CA   sing N N 249 
THR N   H    sing N N 250 
THR N   H2   sing N N 251 
THR CA  C    sing N N 252 
THR CA  CB   sing N N 253 
THR CA  HA   sing N N 254 
THR C   O    doub N N 255 
THR C   OXT  sing N N 256 
THR CB  OG1  sing N N 257 
THR CB  CG2  sing N N 258 
THR CB  HB   sing N N 259 
THR OG1 HG1  sing N N 260 
THR CG2 HG21 sing N N 261 
THR CG2 HG22 sing N N 262 
THR CG2 HG23 sing N N 263 
THR OXT HXT  sing N N 264 
TYR N   CA   sing N N 265 
TYR N   H    sing N N 266 
TYR N   H2   sing N N 267 
TYR CA  C    sing N N 268 
TYR CA  CB   sing N N 269 
TYR CA  HA   sing N N 270 
TYR C   O    doub N N 271 
TYR C   OXT  sing N N 272 
TYR CB  CG   sing N N 273 
TYR CB  HB2  sing N N 274 
TYR CB  HB3  sing N N 275 
TYR CG  CD1  doub Y N 276 
TYR CG  CD2  sing Y N 277 
TYR CD1 CE1  sing Y N 278 
TYR CD1 HD1  sing N N 279 
TYR CD2 CE2  doub Y N 280 
TYR CD2 HD2  sing N N 281 
TYR CE1 CZ   doub Y N 282 
TYR CE1 HE1  sing N N 283 
TYR CE2 CZ   sing Y N 284 
TYR CE2 HE2  sing N N 285 
TYR CZ  OH   sing N N 286 
TYR OH  HH   sing N N 287 
TYR OXT HXT  sing N N 288 
VAL N   CA   sing N N 289 
VAL N   H    sing N N 290 
VAL N   H2   sing N N 291 
VAL CA  C    sing N N 292 
VAL CA  CB   sing N N 293 
VAL CA  HA   sing N N 294 
VAL C   O    doub N N 295 
VAL C   OXT  sing N N 296 
VAL CB  CG1  sing N N 297 
VAL CB  CG2  sing N N 298 
VAL CB  HB   sing N N 299 
VAL CG1 HG11 sing N N 300 
VAL CG1 HG12 sing N N 301 
VAL CG1 HG13 sing N N 302 
VAL CG2 HG21 sing N N 303 
VAL CG2 HG22 sing N N 304 
VAL CG2 HG23 sing N N 305 
VAL OXT HXT  sing N N 306 
# 
_pdbx_nmr_spectrometer.spectrometer_id   1 
_pdbx_nmr_spectrometer.model             AMX 
_pdbx_nmr_spectrometer.manufacturer      Bruker 
_pdbx_nmr_spectrometer.field_strength    600 
_pdbx_nmr_spectrometer.type              ? 
# 
_atom_sites.entry_id                    1R1B 
_atom_sites.fract_transf_matrix[1][1]   1.000000 
_atom_sites.fract_transf_matrix[1][2]   0.000000 
_atom_sites.fract_transf_matrix[1][3]   0.000000 
_atom_sites.fract_transf_matrix[2][1]   0.000000 
_atom_sites.fract_transf_matrix[2][2]   1.000000 
_atom_sites.fract_transf_matrix[2][3]   0.000000 
_atom_sites.fract_transf_matrix[3][1]   0.000000 
_atom_sites.fract_transf_matrix[3][2]   0.000000 
_atom_sites.fract_transf_matrix[3][3]   1.000000 
_atom_sites.fract_transf_vector[1]      0.00000 
_atom_sites.fract_transf_vector[2]      0.00000 
_atom_sites.fract_transf_vector[3]      0.00000 
# 
loop_
_atom_type.symbol 
C 
H 
N 
O 
S 
# 
loop_
_atom_site.group_PDB 
_atom_site.id 
_atom_site.type_symbol 
_atom_site.label_atom_id 
_atom_site.label_alt_id 
_atom_site.label_comp_id 
_atom_site.label_asym_id 
_atom_site.label_entity_id 
_atom_site.label_seq_id 
_atom_site.pdbx_PDB_ins_code 
_atom_site.Cartn_x 
_atom_site.Cartn_y 
_atom_site.Cartn_z 
_atom_site.occupancy 
_atom_site.B_iso_or_equiv 
_atom_site.pdbx_formal_charge 
_atom_site.auth_seq_id 
_atom_site.auth_comp_id 
_atom_site.auth_asym_id 
_atom_site.auth_atom_id 
_atom_site.pdbx_PDB_model_num 
ATOM 1   N N    . MET A 1 1  ? 5.367   1.334   15.630  1.00 3.91 ? 1  MET A N    1 
ATOM 2   C CA   . MET A 1 1  ? 5.729   0.713   14.323  1.00 3.49 ? 1  MET A CA   1 
ATOM 3   C C    . MET A 1 1  ? 4.458   0.268   13.595  1.00 2.57 ? 1  MET A C    1 
ATOM 4   O O    . MET A 1 1  ? 4.274   -0.910  13.300  1.00 2.90 ? 1  MET A O    1 
ATOM 5   C CB   . MET A 1 1  ? 6.655   -0.484  14.551  1.00 4.03 ? 1  MET A CB   1 
ATOM 6   C CG   . MET A 1 1  ? 6.407   -1.103  15.928  1.00 4.74 ? 1  MET A CG   1 
ATOM 7   S SD   . MET A 1 1  ? 4.682   -1.638  16.066  1.00 5.74 ? 1  MET A SD   1 
ATOM 8   C CE   . MET A 1 1  ? 4.776   -2.269  17.760  1.00 6.65 ? 1  MET A CE   1 
ATOM 9   H H1   . MET A 1 1  ? 4.847   2.218   15.460  1.00 4.31 ? 1  MET A H1   1 
ATOM 10  H H2   . MET A 1 1  ? 6.233   1.540   16.169  1.00 4.05 ? 1  MET A H2   1 
ATOM 11  H H3   . MET A 1 1  ? 4.765   0.681   16.170  1.00 4.14 ? 1  MET A H3   1 
ATOM 12  H HA   . MET A 1 1  ? 6.241   1.446   13.718  1.00 3.98 ? 1  MET A HA   1 
ATOM 13  H HB2  . MET A 1 1  ? 6.474   -1.227  13.788  1.00 4.25 ? 1  MET A HB2  1 
ATOM 14  H HB3  . MET A 1 1  ? 7.682   -0.156  14.490  1.00 4.17 ? 1  MET A HB3  1 
ATOM 15  H HG2  . MET A 1 1  ? 7.056   -1.956  16.058  1.00 4.87 ? 1  MET A HG2  1 
ATOM 16  H HG3  . MET A 1 1  ? 6.619   -0.374  16.694  1.00 4.96 ? 1  MET A HG3  1 
ATOM 17  H HE1  . MET A 1 1  ? 5.507   -3.065  17.807  1.00 6.98 ? 1  MET A HE1  1 
ATOM 18  H HE2  . MET A 1 1  ? 3.813   -2.651  18.056  1.00 6.95 ? 1  MET A HE2  1 
ATOM 19  H HE3  . MET A 1 1  ? 5.065   -1.469  18.425  1.00 6.87 ? 1  MET A HE3  1 
ATOM 20  N N    . VAL A 1 2  ? 3.591   1.223   13.296  1.00 1.92 ? 2  VAL A N    1 
ATOM 21  C CA   . VAL A 1 2  ? 2.346   0.917   12.613  1.00 1.27 ? 2  VAL A CA   1 
ATOM 22  C C    . VAL A 1 2  ? 2.064   1.980   11.550  1.00 1.01 ? 2  VAL A C    1 
ATOM 23  O O    . VAL A 1 2  ? 2.511   3.120   11.661  1.00 1.37 ? 2  VAL A O    1 
ATOM 24  C CB   . VAL A 1 2  ? 1.207   0.874   13.630  1.00 1.60 ? 2  VAL A CB   1 
ATOM 25  C CG1  . VAL A 1 2  ? 1.072   2.236   14.306  1.00 2.39 ? 2  VAL A CG1  1 
ATOM 26  C CG2  . VAL A 1 2  ? -0.102  0.528   12.926  1.00 2.28 ? 2  VAL A CG2  1 
ATOM 27  H H    . VAL A 1 2  ? 3.796   2.153   13.530  1.00 2.34 ? 2  VAL A H    1 
ATOM 28  H HA   . VAL A 1 2  ? 2.429   -0.048  12.137  1.00 1.59 ? 2  VAL A HA   1 
ATOM 29  H HB   . VAL A 1 2  ? 1.423   0.125   14.377  1.00 2.03 ? 2  VAL A HB   1 
ATOM 30  H HG11 . VAL A 1 2  ? 0.292   2.192   15.052  1.00 2.85 ? 2  VAL A HG11 1 
ATOM 31  H HG12 . VAL A 1 2  ? 0.820   2.981   13.566  1.00 2.87 ? 2  VAL A HG12 1 
ATOM 32  H HG13 . VAL A 1 2  ? 2.007   2.498   14.777  1.00 2.76 ? 2  VAL A HG13 1 
ATOM 33  H HG21 . VAL A 1 2  ? -0.339  1.297   12.206  1.00 2.61 ? 2  VAL A HG21 1 
ATOM 34  H HG22 . VAL A 1 2  ? -0.896  0.461   13.655  1.00 2.60 ? 2  VAL A HG22 1 
ATOM 35  H HG23 . VAL A 1 2  ? 0.002   -0.420  12.420  1.00 2.93 ? 2  VAL A HG23 1 
ATOM 36  N N    . TYR A 1 3  ? 1.328   1.594   10.518  1.00 0.68 ? 3  TYR A N    1 
ATOM 37  C CA   . TYR A 1 3  ? 0.995   2.520   9.449   1.00 0.42 ? 3  TYR A CA   1 
ATOM 38  C C    . TYR A 1 3  ? -0.472  2.324   9.040   1.00 0.27 ? 3  TYR A C    1 
ATOM 39  O O    . TYR A 1 3  ? -0.857  1.285   8.511   1.00 0.40 ? 3  TYR A O    1 
ATOM 40  C CB   . TYR A 1 3  ? 1.953   2.322   8.274   1.00 0.34 ? 3  TYR A CB   1 
ATOM 41  C CG   . TYR A 1 3  ? 1.936   0.894   7.767   1.00 0.26 ? 3  TYR A CG   1 
ATOM 42  C CD1  . TYR A 1 3  ? 2.472   -0.143  8.543   1.00 0.30 ? 3  TYR A CD1  1 
ATOM 43  C CD2  . TYR A 1 3  ? 1.461   0.621   6.479   1.00 0.23 ? 3  TYR A CD2  1 
ATOM 44  C CE1  . TYR A 1 3  ? 2.539   -1.444  8.026   1.00 0.32 ? 3  TYR A CE1  1 
ATOM 45  C CE2  . TYR A 1 3  ? 1.533   -0.677  5.960   1.00 0.26 ? 3  TYR A CE2  1 
ATOM 46  C CZ   . TYR A 1 3  ? 2.072   -1.710  6.733   1.00 0.31 ? 3  TYR A CZ   1 
ATOM 47  O OH   . TYR A 1 3  ? 2.145   -2.991  6.222   1.00 0.39 ? 3  TYR A OH   1 
ATOM 48  H H    . TYR A 1 3  ? 0.996   0.674   10.477  1.00 0.91 ? 3  TYR A H    1 
ATOM 49  H HA   . TYR A 1 3  ? 1.112   3.527   9.823   1.00 0.59 ? 3  TYR A HA   1 
ATOM 50  H HB2  . TYR A 1 3  ? 1.671   2.983   7.479   1.00 0.34 ? 3  TYR A HB2  1 
ATOM 51  H HB3  . TYR A 1 3  ? 2.955   2.569   8.595   1.00 0.42 ? 3  TYR A HB3  1 
ATOM 52  H HD1  . TYR A 1 3  ? 2.835   0.060   9.539   1.00 0.36 ? 3  TYR A HD1  1 
ATOM 53  H HD2  . TYR A 1 3  ? 1.011   1.410   5.895   1.00 0.23 ? 3  TYR A HD2  1 
ATOM 54  H HE1  . TYR A 1 3  ? 2.951   -2.242  8.625   1.00 0.38 ? 3  TYR A HE1  1 
ATOM 55  H HE2  . TYR A 1 3  ? 1.172   -0.881  4.963   1.00 0.30 ? 3  TYR A HE2  1 
ATOM 56  H HH   . TYR A 1 3  ? 2.494   -2.937  5.330   1.00 0.87 ? 3  TYR A HH   1 
ATOM 57  N N    . ASP A 1 4  ? -1.274  3.354   9.285   1.00 0.29 ? 4  ASP A N    1 
ATOM 58  C CA   . ASP A 1 4  ? -2.716  3.294   9.043   1.00 0.45 ? 4  ASP A CA   1 
ATOM 59  C C    . ASP A 1 4  ? -3.097  3.236   7.551   1.00 0.27 ? 4  ASP A C    1 
ATOM 60  O O    . ASP A 1 4  ? -2.965  2.199   6.918   1.00 0.26 ? 4  ASP A O    1 
ATOM 61  C CB   . ASP A 1 4  ? -3.381  4.498   9.702   1.00 0.82 ? 4  ASP A CB   1 
ATOM 62  C CG   . ASP A 1 4  ? -3.193  4.426   11.218  1.00 1.09 ? 4  ASP A CG   1 
ATOM 63  O OD1  . ASP A 1 4  ? -3.606  3.436   11.797  1.00 1.53 ? 4  ASP A OD1  1 
ATOM 64  O OD2  . ASP A 1 4  ? -2.642  5.362   11.772  1.00 1.73 ? 4  ASP A OD2  1 
ATOM 65  H H    . ASP A 1 4  ? -0.887  4.181   9.637   1.00 0.41 ? 4  ASP A H    1 
ATOM 66  H HA   . ASP A 1 4  ? -3.097  2.404   9.518   1.00 0.67 ? 4  ASP A HA   1 
ATOM 67  H HB2  . ASP A 1 4  ? -2.930  5.406   9.329   1.00 0.83 ? 4  ASP A HB2  1 
ATOM 68  H HB3  . ASP A 1 4  ? -4.434  4.498   9.471   1.00 1.13 ? 4  ASP A HB3  1 
ATOM 69  N N    . LYS A 1 5  ? -3.582  4.355   7.008   1.00 0.31 ? 5  LYS A N    1 
ATOM 70  C CA   . LYS A 1 5  ? -4.065  4.417   5.621   1.00 0.27 ? 5  LYS A CA   1 
ATOM 71  C C    . LYS A 1 5  ? -3.196  3.623   4.643   1.00 0.22 ? 5  LYS A C    1 
ATOM 72  O O    . LYS A 1 5  ? -3.711  2.906   3.784   1.00 0.24 ? 5  LYS A O    1 
ATOM 73  C CB   . LYS A 1 5  ? -4.134  5.873   5.173   1.00 0.39 ? 5  LYS A CB   1 
ATOM 74  C CG   . LYS A 1 5  ? -5.202  6.603   5.983   1.00 0.67 ? 5  LYS A CG   1 
ATOM 75  C CD   . LYS A 1 5  ? -5.280  8.059   5.535   1.00 1.08 ? 5  LYS A CD   1 
ATOM 76  C CE   . LYS A 1 5  ? -6.317  8.794   6.382   1.00 1.50 ? 5  LYS A CE   1 
ATOM 77  N NZ   . LYS A 1 5  ? -6.474  10.187  5.878   1.00 2.33 ? 5  LYS A NZ   1 
ATOM 78  H H    . LYS A 1 5  ? -3.609  5.170   7.546   1.00 0.43 ? 5  LYS A H    1 
ATOM 79  H HA   . LYS A 1 5  ? -5.057  4.006   5.594   1.00 0.29 ? 5  LYS A HA   1 
ATOM 80  H HB2  . LYS A 1 5  ? -3.175  6.342   5.333   1.00 0.53 ? 5  LYS A HB2  1 
ATOM 81  H HB3  . LYS A 1 5  ? -4.387  5.917   4.124   1.00 0.56 ? 5  LYS A HB3  1 
ATOM 82  H HG2  . LYS A 1 5  ? -6.159  6.126   5.829   1.00 1.02 ? 5  LYS A HG2  1 
ATOM 83  H HG3  . LYS A 1 5  ? -4.946  6.565   7.032   1.00 1.36 ? 5  LYS A HG3  1 
ATOM 84  H HD2  . LYS A 1 5  ? -4.314  8.527   5.659   1.00 1.79 ? 5  LYS A HD2  1 
ATOM 85  H HD3  . LYS A 1 5  ? -5.572  8.101   4.496   1.00 1.37 ? 5  LYS A HD3  1 
ATOM 86  H HE2  . LYS A 1 5  ? -7.264  8.278   6.318   1.00 1.74 ? 5  LYS A HE2  1 
ATOM 87  H HE3  . LYS A 1 5  ? -5.989  8.818   7.411   1.00 1.93 ? 5  LYS A HE3  1 
ATOM 88  H HZ1  . LYS A 1 5  ? -7.195  10.680  6.442   1.00 2.69 ? 5  LYS A HZ1  1 
ATOM 89  H HZ2  . LYS A 1 5  ? -6.770  10.163  4.880   1.00 2.79 ? 5  LYS A HZ2  1 
ATOM 90  H HZ3  . LYS A 1 5  ? -5.568  10.692  5.959   1.00 2.77 ? 5  LYS A HZ3  1 
ATOM 91  N N    . ILE A 1 6  ? -1.896  3.752   4.772   1.00 0.21 ? 6  ILE A N    1 
ATOM 92  C CA   . ILE A 1 6  ? -0.987  3.054   3.889   1.00 0.19 ? 6  ILE A CA   1 
ATOM 93  C C    . ILE A 1 6  ? -1.251  1.540   3.968   1.00 0.17 ? 6  ILE A C    1 
ATOM 94  O O    . ILE A 1 6  ? -1.397  0.883   2.939   1.00 0.21 ? 6  ILE A O    1 
ATOM 95  C CB   . ILE A 1 6  ? 0.464   3.412   4.257   1.00 0.18 ? 6  ILE A CB   1 
ATOM 96  C CG1  . ILE A 1 6  ? 1.411   2.315   3.799   1.00 0.17 ? 6  ILE A CG1  1 
ATOM 97  C CG2  . ILE A 1 6  ? 0.605   3.620   5.756   1.00 0.19 ? 6  ILE A CG2  1 
ATOM 98  C CD1  . ILE A 1 6  ? 1.770   2.568   2.349   1.00 0.19 ? 6  ILE A CD1  1 
ATOM 99  H H    . ILE A 1 6  ? -1.546  4.331   5.458   1.00 0.23 ? 6  ILE A H    1 
ATOM 100 H HA   . ILE A 1 6  ? -1.176  3.382   2.877   1.00 0.23 ? 6  ILE A HA   1 
ATOM 101 H HB   . ILE A 1 6  ? 0.737   4.334   3.760   1.00 0.19 ? 6  ILE A HB   1 
ATOM 102 H HG12 . ILE A 1 6  ? 2.308   2.336   4.403   1.00 0.19 ? 6  ILE A HG12 1 
ATOM 103 H HG13 . ILE A 1 6  ? 0.936   1.352   3.890   1.00 0.23 ? 6  ILE A HG13 1 
ATOM 104 H HG21 . ILE A 1 6  ? 0.138   2.803   6.283   1.00 1.01 ? 6  ILE A HG21 1 
ATOM 105 H HG22 . ILE A 1 6  ? 0.134   4.550   6.039   1.00 0.97 ? 6  ILE A HG22 1 
ATOM 106 H HG23 . ILE A 1 6  ? 1.653   3.660   6.010   1.00 0.98 ? 6  ILE A HG23 1 
ATOM 107 H HD11 . ILE A 1 6  ? 1.228   1.881   1.722   1.00 1.00 ? 6  ILE A HD11 1 
ATOM 108 H HD12 . ILE A 1 6  ? 2.830   2.428   2.212   1.00 1.04 ? 6  ILE A HD12 1 
ATOM 109 H HD13 . ILE A 1 6  ? 1.502   3.582   2.086   1.00 1.02 ? 6  ILE A HD13 1 
ATOM 110 N N    . ALA A 1 7  ? -1.329  0.987   5.174   1.00 0.16 ? 7  ALA A N    1 
ATOM 111 C CA   . ALA A 1 7  ? -1.624  -0.437  5.322   1.00 0.18 ? 7  ALA A CA   1 
ATOM 112 C C    . ALA A 1 7  ? -3.090  -0.700  4.981   1.00 0.18 ? 7  ALA A C    1 
ATOM 113 O O    . ALA A 1 7  ? -3.420  -1.654  4.281   1.00 0.19 ? 7  ALA A O    1 
ATOM 114 C CB   . ALA A 1 7  ? -1.381  -0.883  6.759   1.00 0.22 ? 7  ALA A CB   1 
ATOM 115 H H    . ALA A 1 7  ? -1.198  1.539   5.975   1.00 0.17 ? 7  ALA A H    1 
ATOM 116 H HA   . ALA A 1 7  ? -0.992  -1.005  4.658   1.00 0.20 ? 7  ALA A HA   1 
ATOM 117 H HB1  . ALA A 1 7  ? -1.444  -1.959  6.817   1.00 1.05 ? 7  ALA A HB1  1 
ATOM 118 H HB2  . ALA A 1 7  ? -2.131  -0.445  7.401   1.00 1.02 ? 7  ALA A HB2  1 
ATOM 119 H HB3  . ALA A 1 7  ? -0.405  -0.562  7.082   1.00 0.99 ? 7  ALA A HB3  1 
ATOM 120 N N    . ALA A 1 8  ? -3.947  0.169   5.502   1.00 0.18 ? 8  ALA A N    1 
ATOM 121 C CA   . ALA A 1 8  ? -5.389  0.063   5.325   1.00 0.20 ? 8  ALA A CA   1 
ATOM 122 C C    . ALA A 1 8  ? -5.764  -0.447  3.937   1.00 0.19 ? 8  ALA A C    1 
ATOM 123 O O    . ALA A 1 8  ? -6.210  -1.583  3.786   1.00 0.20 ? 8  ALA A O    1 
ATOM 124 C CB   . ALA A 1 8  ? -6.034  1.426   5.551   1.00 0.21 ? 8  ALA A CB   1 
ATOM 125 H H    . ALA A 1 8  ? -3.594  0.916   6.028   1.00 0.19 ? 8  ALA A H    1 
ATOM 126 H HA   . ALA A 1 8  ? -5.777  -0.623  6.061   1.00 0.22 ? 8  ALA A HA   1 
ATOM 127 H HB1  . ALA A 1 8  ? -5.814  1.767   6.553   1.00 0.98 ? 8  ALA A HB1  1 
ATOM 128 H HB2  . ALA A 1 8  ? -7.103  1.343   5.427   1.00 1.04 ? 8  ALA A HB2  1 
ATOM 129 H HB3  . ALA A 1 8  ? -5.642  2.133   4.837   1.00 1.07 ? 8  ALA A HB3  1 
ATOM 130 N N    . GLN A 1 9  ? -5.576  0.369   2.915   1.00 0.18 ? 9  GLN A N    1 
ATOM 131 C CA   . GLN A 1 9  ? -5.966  -0.071  1.593   1.00 0.19 ? 9  GLN A CA   1 
ATOM 132 C C    . GLN A 1 9  ? -4.844  -0.887  0.948   1.00 0.17 ? 9  GLN A C    1 
ATOM 133 O O    . GLN A 1 9  ? -5.060  -1.586  -0.040  1.00 0.17 ? 9  GLN A O    1 
ATOM 134 C CB   . GLN A 1 9  ? -6.367  1.117   0.733   1.00 0.23 ? 9  GLN A CB   1 
ATOM 135 C CG   . GLN A 1 9  ? -5.189  2.038   0.520   1.00 0.22 ? 9  GLN A CG   1 
ATOM 136 C CD   . GLN A 1 9  ? -4.441  1.546   -0.694  1.00 0.50 ? 9  GLN A CD   1 
ATOM 137 O OE1  . GLN A 1 9  ? -5.003  1.440   -1.777  1.00 1.04 ? 9  GLN A OE1  1 
ATOM 138 N NE2  . GLN A 1 9  ? -3.201  1.217   -0.548  1.00 0.22 ? 9  GLN A NE2  1 
ATOM 139 H H    . GLN A 1 9  ? -5.141  1.249   3.041   1.00 0.18 ? 9  GLN A H    1 
ATOM 140 H HA   . GLN A 1 9  ? -6.826  -0.713  1.698   1.00 0.21 ? 9  GLN A HA   1 
ATOM 141 H HB2  . GLN A 1 9  ? -6.705  0.756   -0.227  1.00 0.39 ? 9  GLN A HB2  1 
ATOM 142 H HB3  . GLN A 1 9  ? -7.161  1.656   1.216   1.00 0.30 ? 9  GLN A HB3  1 
ATOM 143 H HG2  . GLN A 1 9  ? -5.539  3.047   0.354   1.00 0.21 ? 9  GLN A HG2  1 
ATOM 144 H HG3  . GLN A 1 9  ? -4.539  2.012   1.382   1.00 0.31 ? 9  GLN A HG3  1 
ATOM 145 H HE21 . GLN A 1 9  ? -2.779  1.301   0.328   1.00 0.30 ? 9  GLN A HE21 1 
ATOM 146 H HE22 . GLN A 1 9  ? -2.694  0.876   -1.307  1.00 0.40 ? 9  GLN A HE22 1 
ATOM 147 N N    . GLY A 1 10 ? -3.637  -0.781  1.489   1.00 0.17 ? 10 GLY A N    1 
ATOM 148 C CA   . GLY A 1 10 ? -2.531  -1.567  0.979   1.00 0.18 ? 10 GLY A CA   1 
ATOM 149 C C    . GLY A 1 10 ? -2.928  -3.042  0.958   1.00 0.18 ? 10 GLY A C    1 
ATOM 150 O O    . GLY A 1 10 ? -2.850  -3.712  -0.070  1.00 0.18 ? 10 GLY A O    1 
ATOM 151 H H    . GLY A 1 10 ? -3.486  -0.160  2.231   1.00 0.18 ? 10 GLY A H    1 
ATOM 152 H HA2  . GLY A 1 10 ? -2.279  -1.240  -0.020  1.00 0.18 ? 10 GLY A HA2  1 
ATOM 153 H HA3  . GLY A 1 10 ? -1.679  -1.448  1.630   1.00 0.19 ? 10 GLY A HA3  1 
ATOM 154 N N    . GLU A 1 11 ? -3.372  -3.534  2.106   1.00 0.19 ? 11 GLU A N    1 
ATOM 155 C CA   . GLU A 1 11 ? -3.781  -4.923  2.219   1.00 0.21 ? 11 GLU A CA   1 
ATOM 156 C C    . GLU A 1 11 ? -5.040  -5.175  1.388   1.00 0.18 ? 11 GLU A C    1 
ATOM 157 O O    . GLU A 1 11 ? -5.262  -6.286  0.915   1.00 0.19 ? 11 GLU A O    1 
ATOM 158 C CB   . GLU A 1 11 ? -4.040  -5.268  3.683   1.00 0.28 ? 11 GLU A CB   1 
ATOM 159 C CG   . GLU A 1 11 ? -5.231  -4.470  4.197   1.00 1.20 ? 11 GLU A CG   1 
ATOM 160 C CD   . GLU A 1 11 ? -5.240  -4.476  5.725   1.00 1.64 ? 11 GLU A CD   1 
ATOM 161 O OE1  . GLU A 1 11 ? -4.304  -3.948  6.304   1.00 1.85 ? 11 GLU A OE1  1 
ATOM 162 O OE2  . GLU A 1 11 ? -6.180  -5.009  6.292   1.00 2.43 ? 11 GLU A OE2  1 
ATOM 163 H H    . GLU A 1 11 ? -3.426  -2.950  2.891   1.00 0.21 ? 11 GLU A H    1 
ATOM 164 H HA   . GLU A 1 11 ? -2.986  -5.552  1.848   1.00 0.23 ? 11 GLU A HA   1 
ATOM 165 H HB2  . GLU A 1 11 ? -4.249  -6.324  3.771   1.00 0.96 ? 11 GLU A HB2  1 
ATOM 166 H HB3  . GLU A 1 11 ? -3.166  -5.026  4.270   1.00 1.02 ? 11 GLU A HB3  1 
ATOM 167 H HG2  . GLU A 1 11 ? -5.160  -3.453  3.842   1.00 1.72 ? 11 GLU A HG2  1 
ATOM 168 H HG3  . GLU A 1 11 ? -6.146  -4.915  3.833   1.00 1.76 ? 11 GLU A HG3  1 
ATOM 169 N N    . VAL A 1 12 ? -5.866  -4.146  1.214   1.00 0.18 ? 12 VAL A N    1 
ATOM 170 C CA   . VAL A 1 12 ? -7.079  -4.296  0.421   1.00 0.19 ? 12 VAL A CA   1 
ATOM 171 C C    . VAL A 1 12 ? -6.730  -4.928  -0.928  1.00 0.17 ? 12 VAL A C    1 
ATOM 172 O O    . VAL A 1 12 ? -7.291  -5.950  -1.317  1.00 0.21 ? 12 VAL A O    1 
ATOM 173 C CB   . VAL A 1 12 ? -7.735  -2.933  0.200   1.00 0.21 ? 12 VAL A CB   1 
ATOM 174 C CG1  . VAL A 1 12 ? -8.849  -3.054  -0.832  1.00 0.26 ? 12 VAL A CG1  1 
ATOM 175 C CG2  . VAL A 1 12 ? -8.323  -2.430  1.515   1.00 0.25 ? 12 VAL A CG2  1 
ATOM 176 H H    . VAL A 1 12 ? -5.658  -3.279  1.626   1.00 0.20 ? 12 VAL A H    1 
ATOM 177 H HA   . VAL A 1 12 ? -7.768  -4.939  0.947   1.00 0.23 ? 12 VAL A HA   1 
ATOM 178 H HB   . VAL A 1 12 ? -6.997  -2.232  -0.156  1.00 0.19 ? 12 VAL A HB   1 
ATOM 179 H HG11 . VAL A 1 12 ? -9.571  -3.783  -0.499  1.00 1.07 ? 12 VAL A HG11 1 
ATOM 180 H HG12 . VAL A 1 12 ? -8.431  -3.367  -1.777  1.00 1.07 ? 12 VAL A HG12 1 
ATOM 181 H HG13 . VAL A 1 12 ? -9.333  -2.096  -0.953  1.00 1.00 ? 12 VAL A HG13 1 
ATOM 182 H HG21 . VAL A 1 12 ? -7.543  -2.378  2.259   1.00 1.09 ? 12 VAL A HG21 1 
ATOM 183 H HG22 . VAL A 1 12 ? -9.094  -3.106  1.847   1.00 1.08 ? 12 VAL A HG22 1 
ATOM 184 H HG23 . VAL A 1 12 ? -8.744  -1.446  1.367   1.00 0.99 ? 12 VAL A HG23 1 
ATOM 185 N N    . VAL A 1 13 ? -5.788  -4.321  -1.630  1.00 0.14 ? 13 VAL A N    1 
ATOM 186 C CA   . VAL A 1 13 ? -5.374  -4.838  -2.924  1.00 0.16 ? 13 VAL A CA   1 
ATOM 187 C C    . VAL A 1 13 ? -4.624  -6.161  -2.769  1.00 0.15 ? 13 VAL A C    1 
ATOM 188 O O    . VAL A 1 13 ? -4.801  -7.075  -3.570  1.00 0.16 ? 13 VAL A O    1 
ATOM 189 C CB   . VAL A 1 13 ? -4.496  -3.821  -3.625  1.00 0.20 ? 13 VAL A CB   1 
ATOM 190 C CG1  . VAL A 1 13 ? -3.421  -4.536  -4.436  1.00 0.64 ? 13 VAL A CG1  1 
ATOM 191 C CG2  . VAL A 1 13 ? -5.372  -2.988  -4.550  1.00 0.69 ? 13 VAL A CG2  1 
ATOM 192 H H    . VAL A 1 13 ? -5.367  -3.510  -1.274  1.00 0.14 ? 13 VAL A H    1 
ATOM 193 H HA   . VAL A 1 13 ? -6.252  -5.005  -3.530  1.00 0.18 ? 13 VAL A HA   1 
ATOM 194 H HB   . VAL A 1 13 ? -4.029  -3.183  -2.896  1.00 0.32 ? 13 VAL A HB   1 
ATOM 195 H HG11 . VAL A 1 13 ? -2.851  -3.811  -4.997  1.00 0.93 ? 13 VAL A HG11 1 
ATOM 196 H HG12 . VAL A 1 13 ? -3.886  -5.234  -5.114  1.00 1.07 ? 13 VAL A HG12 1 
ATOM 197 H HG13 . VAL A 1 13 ? -2.761  -5.070  -3.767  1.00 1.05 ? 13 VAL A HG13 1 
ATOM 198 H HG21 . VAL A 1 13 ? -6.079  -2.421  -3.963  1.00 1.25 ? 13 VAL A HG21 1 
ATOM 199 H HG22 . VAL A 1 13 ? -5.907  -3.640  -5.224  1.00 1.36 ? 13 VAL A HG22 1 
ATOM 200 H HG23 . VAL A 1 13 ? -4.753  -2.312  -5.119  1.00 1.24 ? 13 VAL A HG23 1 
ATOM 201 N N    . ARG A 1 14 ? -3.776  -6.256  -1.755  1.00 0.15 ? 14 ARG A N    1 
ATOM 202 C CA   . ARG A 1 14 ? -3.036  -7.489  -1.529  1.00 0.17 ? 14 ARG A CA   1 
ATOM 203 C C    . ARG A 1 14 ? -4.016  -8.660  -1.442  1.00 0.16 ? 14 ARG A C    1 
ATOM 204 O O    . ARG A 1 14 ? -3.772  -9.736  -1.984  1.00 0.20 ? 14 ARG A O    1 
ATOM 205 C CB   . ARG A 1 14 ? -2.229  -7.387  -0.239  1.00 0.20 ? 14 ARG A CB   1 
ATOM 206 C CG   . ARG A 1 14 ? -1.225  -6.246  -0.360  1.00 0.25 ? 14 ARG A CG   1 
ATOM 207 C CD   . ARG A 1 14 ? 0.164   -6.744  0.014   1.00 0.87 ? 14 ARG A CD   1 
ATOM 208 N NE   . ARG A 1 14 ? 0.166   -7.213  1.391   1.00 1.53 ? 14 ARG A NE   1 
ATOM 209 C CZ   . ARG A 1 14 ? 1.246   -7.767  1.932   1.00 2.09 ? 14 ARG A CZ   1 
ATOM 210 N NH1  . ARG A 1 14 ? 2.345   -7.900  1.230   1.00 2.19 ? 14 ARG A NH1  1 
ATOM 211 N NH2  . ARG A 1 14 ? 1.212   -8.179  3.171   1.00 3.05 ? 14 ARG A NH2  1 
ATOM 212 H H    . ARG A 1 14 ? -3.640  -5.491  -1.158  1.00 0.15 ? 14 ARG A H    1 
ATOM 213 H HA   . ARG A 1 14 ? -2.361  -7.653  -2.355  1.00 0.19 ? 14 ARG A HA   1 
ATOM 214 H HB2  . ARG A 1 14 ? -2.897  -7.195  0.589   1.00 0.23 ? 14 ARG A HB2  1 
ATOM 215 H HB3  . ARG A 1 14 ? -1.701  -8.314  -0.070  1.00 0.27 ? 14 ARG A HB3  1 
ATOM 216 H HG2  . ARG A 1 14 ? -1.215  -5.881  -1.378  1.00 0.70 ? 14 ARG A HG2  1 
ATOM 217 H HG3  . ARG A 1 14 ? -1.508  -5.445  0.304   1.00 0.67 ? 14 ARG A HG3  1 
ATOM 218 H HD2  . ARG A 1 14 ? 0.443   -7.556  -0.641  1.00 1.62 ? 14 ARG A HD2  1 
ATOM 219 H HD3  . ARG A 1 14 ? 0.877   -5.938  -0.092  1.00 1.40 ? 14 ARG A HD3  1 
ATOM 220 H HE   . ARG A 1 14 ? -0.648  -7.120  1.929   1.00 2.07 ? 14 ARG A HE   1 
ATOM 221 H HH11 . ARG A 1 14 ? 2.380   -7.587  0.282   1.00 2.10 ? 14 ARG A HH11 1 
ATOM 222 H HH12 . ARG A 1 14 ? 3.153   -8.318  1.645   1.00 2.78 ? 14 ARG A HH12 1 
ATOM 223 H HH21 . ARG A 1 14 ? 0.375   -8.079  3.709   1.00 3.51 ? 14 ARG A HH21 1 
ATOM 224 H HH22 . ARG A 1 14 ? 2.023   -8.595  3.582   1.00 3.50 ? 14 ARG A HH22 1 
ATOM 225 N N    . LYS A 1 15 ? -5.122  -8.443  -0.752  1.00 0.16 ? 15 LYS A N    1 
ATOM 226 C CA   . LYS A 1 15 ? -6.141  -9.469  -0.624  1.00 0.18 ? 15 LYS A CA   1 
ATOM 227 C C    . LYS A 1 15 ? -6.835  -9.673  -1.973  1.00 0.15 ? 15 LYS A C    1 
ATOM 228 O O    . LYS A 1 15 ? -7.125  -10.797 -2.372  1.00 0.17 ? 15 LYS A O    1 
ATOM 229 C CB   . LYS A 1 15 ? -7.166  -9.039  0.422   1.00 0.24 ? 15 LYS A CB   1 
ATOM 230 C CG   . LYS A 1 15 ? -7.893  -10.263 0.971   1.00 0.58 ? 15 LYS A CG   1 
ATOM 231 C CD   . LYS A 1 15 ? -8.958  -9.813  1.966   1.00 0.98 ? 15 LYS A CD   1 
ATOM 232 C CE   . LYS A 1 15 ? -9.411  -11.000 2.811   1.00 1.35 ? 15 LYS A CE   1 
ATOM 233 N NZ   . LYS A 1 15 ? -10.043 -12.027 1.937   1.00 1.59 ? 15 LYS A NZ   1 
ATOM 234 H H    . LYS A 1 15 ? -5.252  -7.579  -0.304  1.00 0.17 ? 15 LYS A H    1 
ATOM 235 H HA   . LYS A 1 15 ? -5.681  -10.395 -0.315  1.00 0.21 ? 15 LYS A HA   1 
ATOM 236 H HB2  . LYS A 1 15 ? -6.663  -8.527  1.230   1.00 0.50 ? 15 LYS A HB2  1 
ATOM 237 H HB3  . LYS A 1 15 ? -7.883  -8.372  -0.033  1.00 0.42 ? 15 LYS A HB3  1 
ATOM 238 H HG2  . LYS A 1 15 ? -8.360  -10.799 0.157   1.00 1.28 ? 15 LYS A HG2  1 
ATOM 239 H HG3  . LYS A 1 15 ? -7.186  -10.909 1.469   1.00 0.96 ? 15 LYS A HG3  1 
ATOM 240 H HD2  . LYS A 1 15 ? -8.547  -9.049  2.611   1.00 1.31 ? 15 LYS A HD2  1 
ATOM 241 H HD3  . LYS A 1 15 ? -9.805  -9.413  1.429   1.00 1.60 ? 15 LYS A HD3  1 
ATOM 242 H HE2  . LYS A 1 15 ? -8.557  -11.431 3.312   1.00 2.07 ? 15 LYS A HE2  1 
ATOM 243 H HE3  . LYS A 1 15 ? -10.126 -10.664 3.548   1.00 1.78 ? 15 LYS A HE3  1 
ATOM 244 H HZ1  . LYS A 1 15 ? -10.836 -11.600 1.416   1.00 2.00 ? 15 LYS A HZ1  1 
ATOM 245 H HZ2  . LYS A 1 15 ? -10.396 -12.811 2.523   1.00 2.00 ? 15 LYS A HZ2  1 
ATOM 246 H HZ3  . LYS A 1 15 ? -9.342  -12.388 1.261   1.00 2.01 ? 15 LYS A HZ3  1 
ATOM 247 N N    . LEU A 1 16 ? -7.086  -8.576  -2.679  1.00 0.12 ? 16 LEU A N    1 
ATOM 248 C CA   . LEU A 1 16 ? -7.749  -8.652  -3.975  1.00 0.13 ? 16 LEU A CA   1 
ATOM 249 C C    . LEU A 1 16 ? -6.932  -9.504  -4.953  1.00 0.15 ? 16 LEU A C    1 
ATOM 250 O O    . LEU A 1 16 ? -7.424  -10.501 -5.481  1.00 0.19 ? 16 LEU A O    1 
ATOM 251 C CB   . LEU A 1 16 ? -7.932  -7.246  -4.538  1.00 0.15 ? 16 LEU A CB   1 
ATOM 252 C CG   . LEU A 1 16 ? -9.396  -6.834  -4.414  1.00 0.35 ? 16 LEU A CG   1 
ATOM 253 C CD1  . LEU A 1 16 ? -9.818  -6.868  -2.950  1.00 1.13 ? 16 LEU A CD1  1 
ATOM 254 C CD2  . LEU A 1 16 ? -9.571  -5.419  -4.956  1.00 0.90 ? 16 LEU A CD2  1 
ATOM 255 H H    . LEU A 1 16 ? -6.826  -7.697  -2.324  1.00 0.13 ? 16 LEU A H    1 
ATOM 256 H HA   . LEU A 1 16 ? -8.721  -9.105  -3.845  1.00 0.16 ? 16 LEU A HA   1 
ATOM 257 H HB2  . LEU A 1 16 ? -7.315  -6.554  -3.986  1.00 0.32 ? 16 LEU A HB2  1 
ATOM 258 H HB3  . LEU A 1 16 ? -7.644  -7.236  -5.578  1.00 0.23 ? 16 LEU A HB3  1 
ATOM 259 H HG   . LEU A 1 16 ? -10.011 -7.516  -4.982  1.00 1.15 ? 16 LEU A HG   1 
ATOM 260 H HD11 . LEU A 1 16 ? -10.854 -6.572  -2.866  1.00 1.82 ? 16 LEU A HD11 1 
ATOM 261 H HD12 . LEU A 1 16 ? -9.204  -6.187  -2.381  1.00 1.60 ? 16 LEU A HD12 1 
ATOM 262 H HD13 . LEU A 1 16 ? -9.698  -7.870  -2.563  1.00 1.69 ? 16 LEU A HD13 1 
ATOM 263 H HD21 . LEU A 1 16 ? -8.968  -4.735  -4.378  1.00 1.42 ? 16 LEU A HD21 1 
ATOM 264 H HD22 . LEU A 1 16 ? -10.609 -5.133  -4.886  1.00 1.55 ? 16 LEU A HD22 1 
ATOM 265 H HD23 . LEU A 1 16 ? -9.258  -5.389  -5.990  1.00 1.52 ? 16 LEU A HD23 1 
ATOM 266 N N    . LYS A 1 17 ? -5.687  -9.112  -5.192  1.00 0.16 ? 17 LYS A N    1 
ATOM 267 C CA   . LYS A 1 17 ? -4.834  -9.862  -6.106  1.00 0.23 ? 17 LYS A CA   1 
ATOM 268 C C    . LYS A 1 17 ? -4.681  -11.311 -5.628  1.00 0.27 ? 17 LYS A C    1 
ATOM 269 O O    . LYS A 1 17 ? -4.510  -12.223 -6.436  1.00 0.34 ? 17 LYS A O    1 
ATOM 270 C CB   . LYS A 1 17 ? -3.463  -9.191  -6.215  1.00 0.26 ? 17 LYS A CB   1 
ATOM 271 C CG   . LYS A 1 17 ? -2.762  -9.196  -4.859  1.00 0.31 ? 17 LYS A CG   1 
ATOM 272 C CD   . LYS A 1 17 ? -1.810  -10.388 -4.773  1.00 0.76 ? 17 LYS A CD   1 
ATOM 273 C CE   . LYS A 1 17 ? -1.072  -10.356 -3.437  1.00 1.01 ? 17 LYS A CE   1 
ATOM 274 N NZ   . LYS A 1 17 ? -0.092  -11.479 -3.377  1.00 1.62 ? 17 LYS A NZ   1 
ATOM 275 H H    . LYS A 1 17 ? -5.342  -8.299  -4.761  1.00 0.15 ? 17 LYS A H    1 
ATOM 276 H HA   . LYS A 1 17 ? -5.295  -9.867  -7.083  1.00 0.24 ? 17 LYS A HA   1 
ATOM 277 H HB2  . LYS A 1 17 ? -2.859  -9.728  -6.932  1.00 0.31 ? 17 LYS A HB2  1 
ATOM 278 H HB3  . LYS A 1 17 ? -3.588  -8.172  -6.546  1.00 0.25 ? 17 LYS A HB3  1 
ATOM 279 H HG2  . LYS A 1 17 ? -2.202  -8.280  -4.742  1.00 0.72 ? 17 LYS A HG2  1 
ATOM 280 H HG3  . LYS A 1 17 ? -3.499  -9.269  -4.076  1.00 0.64 ? 17 LYS A HG3  1 
ATOM 281 H HD2  . LYS A 1 17 ? -2.374  -11.306 -4.851  1.00 1.44 ? 17 LYS A HD2  1 
ATOM 282 H HD3  . LYS A 1 17 ? -1.094  -10.335 -5.578  1.00 1.30 ? 17 LYS A HD3  1 
ATOM 283 H HE2  . LYS A 1 17 ? -0.548  -9.417  -3.337  1.00 1.37 ? 17 LYS A HE2  1 
ATOM 284 H HE3  . LYS A 1 17 ? -1.782  -10.458 -2.631  1.00 1.60 ? 17 LYS A HE3  1 
ATOM 285 H HZ1  . LYS A 1 17 ? 0.446   -11.423 -2.489  1.00 1.98 ? 17 LYS A HZ1  1 
ATOM 286 H HZ2  . LYS A 1 17 ? 0.561   -11.413 -4.184  1.00 2.04 ? 17 LYS A HZ2  1 
ATOM 287 H HZ3  . LYS A 1 17 ? -0.599  -12.386 -3.414  1.00 2.16 ? 17 LYS A HZ3  1 
ATOM 288 N N    . ALA A 1 18 ? -4.741  -11.521 -4.319  1.00 0.24 ? 18 ALA A N    1 
ATOM 289 C CA   . ALA A 1 18 ? -4.628  -12.868 -3.777  1.00 0.30 ? 18 ALA A CA   1 
ATOM 290 C C    . ALA A 1 18 ? -5.860  -13.684 -4.172  1.00 0.30 ? 18 ALA A C    1 
ATOM 291 O O    . ALA A 1 18 ? -5.749  -14.811 -4.653  1.00 0.36 ? 18 ALA A O    1 
ATOM 292 C CB   . ALA A 1 18 ? -4.512  -12.807 -2.258  1.00 0.31 ? 18 ALA A CB   1 
ATOM 293 H H    . ALA A 1 18 ? -4.856  -10.764 -3.709  1.00 0.19 ? 18 ALA A H    1 
ATOM 294 H HA   . ALA A 1 18 ? -3.748  -13.338 -4.182  1.00 0.35 ? 18 ALA A HA   1 
ATOM 295 H HB1  . ALA A 1 18 ? -4.421  -13.809 -1.865  1.00 0.93 ? 18 ALA A HB1  1 
ATOM 296 H HB2  . ALA A 1 18 ? -5.394  -12.338 -1.847  1.00 1.06 ? 18 ALA A HB2  1 
ATOM 297 H HB3  . ALA A 1 18 ? -3.639  -12.233 -1.986  1.00 0.96 ? 18 ALA A HB3  1 
ATOM 298 N N    . GLU A 1 19 ? -7.031  -13.102 -3.964  1.00 0.26 ? 19 GLU A N    1 
ATOM 299 C CA   . GLU A 1 19 ? -8.281  -13.767 -4.310  1.00 0.31 ? 19 GLU A CA   1 
ATOM 300 C C    . GLU A 1 19 ? -8.630  -13.543 -5.790  1.00 0.30 ? 19 GLU A C    1 
ATOM 301 O O    . GLU A 1 19 ? -9.733  -13.873 -6.222  1.00 0.35 ? 19 GLU A O    1 
ATOM 302 C CB   . GLU A 1 19 ? -9.406  -13.215 -3.445  1.00 0.35 ? 19 GLU A CB   1 
ATOM 303 C CG   . GLU A 1 19 ? -9.110  -13.502 -1.978  1.00 0.72 ? 19 GLU A CG   1 
ATOM 304 C CD   . GLU A 1 19 ? -10.166 -12.832 -1.100  1.00 0.78 ? 19 GLU A CD   1 
ATOM 305 O OE1  . GLU A 1 19 ? -10.244 -11.615 -1.124  1.00 1.47 ? 19 GLU A OE1  1 
ATOM 306 O OE2  . GLU A 1 19 ? -10.879 -13.547 -0.416  1.00 1.19 ? 19 GLU A OE2  1 
ATOM 307 H H    . GLU A 1 19 ? -7.058  -12.212 -3.557  1.00 0.22 ? 19 GLU A H    1 
ATOM 308 H HA   . GLU A 1 19 ? -8.182  -14.826 -4.126  1.00 0.37 ? 19 GLU A HA   1 
ATOM 309 H HB2  . GLU A 1 19 ? -9.485  -12.148 -3.595  1.00 0.55 ? 19 GLU A HB2  1 
ATOM 310 H HB3  . GLU A 1 19 ? -10.337 -13.687 -3.721  1.00 0.67 ? 19 GLU A HB3  1 
ATOM 311 H HG2  . GLU A 1 19 ? -9.125  -14.568 -1.810  1.00 1.07 ? 19 GLU A HG2  1 
ATOM 312 H HG3  . GLU A 1 19 ? -8.136  -13.111 -1.725  1.00 0.97 ? 19 GLU A HG3  1 
ATOM 313 N N    . LYS A 1 20 ? -7.698  -12.969 -6.547  1.00 0.28 ? 20 LYS A N    1 
ATOM 314 C CA   . LYS A 1 20 ? -7.906  -12.712 -7.967  1.00 0.31 ? 20 LYS A CA   1 
ATOM 315 C C    . LYS A 1 20 ? -8.843  -11.521 -8.161  1.00 0.29 ? 20 LYS A C    1 
ATOM 316 O O    . LYS A 1 20 ? -10.062 -11.637 -8.050  1.00 0.41 ? 20 LYS A O    1 
ATOM 317 C CB   . LYS A 1 20 ? -8.476  -13.945 -8.664  1.00 0.41 ? 20 LYS A CB   1 
ATOM 318 C CG   . LYS A 1 20 ? -7.541  -15.130 -8.443  1.00 0.81 ? 20 LYS A CG   1 
ATOM 319 C CD   . LYS A 1 20 ? -7.959  -16.285 -9.347  1.00 0.93 ? 20 LYS A CD   1 
ATOM 320 C CE   . LYS A 1 20 ? -6.907  -17.389 -9.282  1.00 1.47 ? 20 LYS A CE   1 
ATOM 321 N NZ   . LYS A 1 20 ? -7.246  -18.457 -10.265 1.00 1.89 ? 20 LYS A NZ   1 
ATOM 322 H H    . LYS A 1 20 ? -6.854  -12.692 -6.141  1.00 0.27 ? 20 LYS A H    1 
ATOM 323 H HA   . LYS A 1 20 ? -6.952  -12.474 -8.415  1.00 0.33 ? 20 LYS A HA   1 
ATOM 324 H HB2  . LYS A 1 20 ? -9.451  -14.171 -8.261  1.00 0.64 ? 20 LYS A HB2  1 
ATOM 325 H HB3  . LYS A 1 20 ? -8.560  -13.750 -9.722  1.00 0.63 ? 20 LYS A HB3  1 
ATOM 326 H HG2  . LYS A 1 20 ? -6.528  -14.838 -8.675  1.00 1.22 ? 20 LYS A HG2  1 
ATOM 327 H HG3  . LYS A 1 20 ? -7.596  -15.445 -7.410  1.00 1.20 ? 20 LYS A HG3  1 
ATOM 328 H HD2  . LYS A 1 20 ? -8.912  -16.674 -9.015  1.00 1.03 ? 20 LYS A HD2  1 
ATOM 329 H HD3  . LYS A 1 20 ? -8.047  -15.933 -10.362 1.00 1.30 ? 20 LYS A HD3  1 
ATOM 330 H HE2  . LYS A 1 20 ? -5.938  -16.976 -9.519  1.00 1.82 ? 20 LYS A HE2  1 
ATOM 331 H HE3  . LYS A 1 20 ? -6.887  -17.808 -8.288  1.00 1.87 ? 20 LYS A HE3  1 
ATOM 332 H HZ1  . LYS A 1 20 ? -8.173  -18.865 -10.030 1.00 2.39 ? 20 LYS A HZ1  1 
ATOM 333 H HZ2  . LYS A 1 20 ? -6.520  -19.202 -10.231 1.00 2.22 ? 20 LYS A HZ2  1 
ATOM 334 H HZ3  . LYS A 1 20 ? -7.281  -18.051 -11.221 1.00 2.15 ? 20 LYS A HZ3  1 
ATOM 335 N N    . ALA A 1 21 ? -8.250  -10.377 -8.457  1.00 0.23 ? 21 ALA A N    1 
ATOM 336 C CA   . ALA A 1 21 ? -9.008  -9.157  -8.674  1.00 0.21 ? 21 ALA A CA   1 
ATOM 337 C C    . ALA A 1 21 ? -8.427  -8.434  -9.895  1.00 0.23 ? 21 ALA A C    1 
ATOM 338 O O    . ALA A 1 21 ? -7.478  -8.919  -10.507 1.00 0.26 ? 21 ALA A O    1 
ATOM 339 C CB   . ALA A 1 21 ? -8.904  -8.276  -7.434  1.00 0.18 ? 21 ALA A CB   1 
ATOM 340 H H    . ALA A 1 21 ? -7.275  -10.353 -8.537  1.00 0.28 ? 21 ALA A H    1 
ATOM 341 H HA   . ALA A 1 21 ? -10.043 -9.402  -8.858  1.00 0.25 ? 21 ALA A HA   1 
ATOM 342 H HB1  . ALA A 1 21 ? -9.671  -7.519  -7.461  1.00 0.96 ? 21 ALA A HB1  1 
ATOM 343 H HB2  . ALA A 1 21 ? -7.933  -7.804  -7.410  1.00 1.01 ? 21 ALA A HB2  1 
ATOM 344 H HB3  . ALA A 1 21 ? -9.030  -8.884  -6.550  1.00 1.05 ? 21 ALA A HB3  1 
ATOM 345 N N    . PRO A 1 22 ? -8.973  -7.266  -10.272 1.00 0.25 ? 22 PRO A N    1 
ATOM 346 C CA   . PRO A 1 22 ? -8.487  -6.520  -11.424 1.00 0.28 ? 22 PRO A CA   1 
ATOM 347 C C    . PRO A 1 22 ? -7.184  -5.775  -11.125 1.00 0.25 ? 22 PRO A C    1 
ATOM 348 O O    . PRO A 1 22 ? -6.973  -5.281  -10.017 1.00 0.24 ? 22 PRO A O    1 
ATOM 349 C CB   . PRO A 1 22 ? -9.614  -5.547  -11.733 1.00 0.33 ? 22 PRO A CB   1 
ATOM 350 C CG   . PRO A 1 22 ? -10.337 -5.345  -10.409 1.00 0.32 ? 22 PRO A CG   1 
ATOM 351 C CD   . PRO A 1 22 ? -10.078 -6.605  -9.580  1.00 0.26 ? 22 PRO A CD   1 
ATOM 352 H HA   . PRO A 1 22 ? -8.346  -7.185  -12.261 1.00 0.32 ? 22 PRO A HA   1 
ATOM 353 H HB2  . PRO A 1 22 ? -9.203  -4.617  -12.103 1.00 0.34 ? 22 PRO A HB2  1 
ATOM 354 H HB3  . PRO A 1 22 ? -10.278 -5.975  -12.467 1.00 0.38 ? 22 PRO A HB3  1 
ATOM 355 H HG2  . PRO A 1 22 ? -9.935  -4.479  -9.901  1.00 0.32 ? 22 PRO A HG2  1 
ATOM 356 H HG3  . PRO A 1 22 ? -11.397 -5.234  -10.581 1.00 0.38 ? 22 PRO A HG3  1 
ATOM 357 H HD2  . PRO A 1 22 ? -9.788  -6.349  -8.573  1.00 0.24 ? 22 PRO A HD2  1 
ATOM 358 H HD3  . PRO A 1 22 ? -10.942 -7.252  -9.567  1.00 0.28 ? 22 PRO A HD3  1 
ATOM 359 N N    . LYS A 1 23 ? -6.319  -5.696  -12.124 1.00 0.30 ? 23 LYS A N    1 
ATOM 360 C CA   . LYS A 1 23 ? -5.043  -5.018  -11.963 1.00 0.33 ? 23 LYS A CA   1 
ATOM 361 C C    . LYS A 1 23 ? -5.269  -3.536  -11.670 1.00 0.30 ? 23 LYS A C    1 
ATOM 362 O O    . LYS A 1 23 ? -4.519  -2.922  -10.917 1.00 0.32 ? 23 LYS A O    1 
ATOM 363 C CB   . LYS A 1 23 ? -4.213  -5.168  -13.235 1.00 0.44 ? 23 LYS A CB   1 
ATOM 364 C CG   . LYS A 1 23 ? -3.914  -6.643  -13.480 1.00 1.14 ? 23 LYS A CG   1 
ATOM 365 C CD   . LYS A 1 23 ? -3.010  -6.790  -14.702 1.00 1.44 ? 23 LYS A CD   1 
ATOM 366 C CE   . LYS A 1 23 ? -3.761  -6.349  -15.955 1.00 2.09 ? 23 LYS A CE   1 
ATOM 367 N NZ   . LYS A 1 23 ? -2.879  -6.502  -17.149 1.00 2.64 ? 23 LYS A NZ   1 
ATOM 368 H H    . LYS A 1 23 ? -6.545  -6.102  -12.988 1.00 0.36 ? 23 LYS A H    1 
ATOM 369 H HA   . LYS A 1 23 ? -4.507  -5.463  -11.138 1.00 0.33 ? 23 LYS A HA   1 
ATOM 370 H HB2  . LYS A 1 23 ? -4.765  -4.766  -14.072 1.00 0.93 ? 23 LYS A HB2  1 
ATOM 371 H HB3  . LYS A 1 23 ? -3.285  -4.627  -13.124 1.00 1.09 ? 23 LYS A HB3  1 
ATOM 372 H HG2  . LYS A 1 23 ? -3.418  -7.057  -12.614 1.00 1.71 ? 23 LYS A HG2  1 
ATOM 373 H HG3  . LYS A 1 23 ? -4.838  -7.174  -13.654 1.00 1.73 ? 23 LYS A HG3  1 
ATOM 374 H HD2  . LYS A 1 23 ? -2.131  -6.174  -14.573 1.00 1.76 ? 23 LYS A HD2  1 
ATOM 375 H HD3  . LYS A 1 23 ? -2.713  -7.823  -14.806 1.00 1.93 ? 23 LYS A HD3  1 
ATOM 376 H HE2  . LYS A 1 23 ? -4.643  -6.961  -16.080 1.00 2.55 ? 23 LYS A HE2  1 
ATOM 377 H HE3  . LYS A 1 23 ? -4.053  -5.314  -15.856 1.00 2.49 ? 23 LYS A HE3  1 
ATOM 378 H HZ1  . LYS A 1 23 ? -2.630  -7.504  -17.270 1.00 2.86 ? 23 LYS A HZ1  1 
ATOM 379 H HZ2  . LYS A 1 23 ? -2.012  -5.943  -17.014 1.00 2.97 ? 23 LYS A HZ2  1 
ATOM 380 H HZ3  . LYS A 1 23 ? -3.380  -6.167  -17.996 1.00 3.08 ? 23 LYS A HZ3  1 
ATOM 381 N N    . ALA A 1 24 ? -6.312  -2.973  -12.268 1.00 0.32 ? 24 ALA A N    1 
ATOM 382 C CA   . ALA A 1 24 ? -6.633  -1.567  -12.073 1.00 0.36 ? 24 ALA A CA   1 
ATOM 383 C C    . ALA A 1 24 ? -6.728  -1.229  -10.586 1.00 0.30 ? 24 ALA A C    1 
ATOM 384 O O    . ALA A 1 24 ? -6.278  -0.174  -10.151 1.00 0.31 ? 24 ALA A O    1 
ATOM 385 C CB   . ALA A 1 24 ? -7.962  -1.251  -12.750 1.00 0.44 ? 24 ALA A CB   1 
ATOM 386 H H    . ALA A 1 24 ? -6.879  -3.515  -12.855 1.00 0.33 ? 24 ALA A H    1 
ATOM 387 H HA   . ALA A 1 24 ? -5.862  -0.963  -12.521 1.00 0.42 ? 24 ALA A HA   1 
ATOM 388 H HB1  . ALA A 1 24 ? -7.886  -1.460  -13.807 1.00 0.98 ? 24 ALA A HB1  1 
ATOM 389 H HB2  . ALA A 1 24 ? -8.199  -0.207  -12.607 1.00 1.13 ? 24 ALA A HB2  1 
ATOM 390 H HB3  . ALA A 1 24 ? -8.740  -1.860  -12.317 1.00 1.15 ? 24 ALA A HB3  1 
ATOM 391 N N    . LYS A 1 25 ? -7.300  -2.130  -9.807  1.00 0.28 ? 25 LYS A N    1 
ATOM 392 C CA   . LYS A 1 25 ? -7.454  -1.888  -8.385  1.00 0.26 ? 25 LYS A CA   1 
ATOM 393 C C    . LYS A 1 25 ? -6.139  -2.158  -7.663  1.00 0.19 ? 25 LYS A C    1 
ATOM 394 O O    . LYS A 1 25 ? -5.714  -1.371  -6.822  1.00 0.17 ? 25 LYS A O    1 
ATOM 395 C CB   . LYS A 1 25 ? -8.559  -2.778  -7.830  1.00 0.32 ? 25 LYS A CB   1 
ATOM 396 C CG   . LYS A 1 25 ? -9.908  -2.086  -8.014  1.00 0.42 ? 25 LYS A CG   1 
ATOM 397 C CD   . LYS A 1 25 ? -9.959  -1.407  -9.382  1.00 0.48 ? 25 LYS A CD   1 
ATOM 398 C CE   . LYS A 1 25 ? -11.252 -0.612  -9.509  1.00 0.64 ? 25 LYS A CE   1 
ATOM 399 N NZ   . LYS A 1 25 ? -11.115 0.380   -10.612 1.00 1.35 ? 25 LYS A NZ   1 
ATOM 400 H H    . LYS A 1 25 ? -7.620  -2.971  -10.191 1.00 0.31 ? 25 LYS A H    1 
ATOM 401 H HA   . LYS A 1 25 ? -7.727  -0.858  -8.234  1.00 0.30 ? 25 LYS A HA   1 
ATOM 402 H HB2  . LYS A 1 25 ? -8.561  -3.722  -8.357  1.00 0.34 ? 25 LYS A HB2  1 
ATOM 403 H HB3  . LYS A 1 25 ? -8.387  -2.953  -6.778  1.00 0.31 ? 25 LYS A HB3  1 
ATOM 404 H HG2  . LYS A 1 25 ? -10.699 -2.817  -7.946  1.00 0.52 ? 25 LYS A HG2  1 
ATOM 405 H HG3  . LYS A 1 25 ? -10.038 -1.342  -7.242  1.00 0.48 ? 25 LYS A HG3  1 
ATOM 406 H HD2  . LYS A 1 25 ? -9.116  -0.738  -9.485  1.00 0.47 ? 25 LYS A HD2  1 
ATOM 407 H HD3  . LYS A 1 25 ? -9.920  -2.156  -10.159 1.00 0.53 ? 25 LYS A HD3  1 
ATOM 408 H HE2  . LYS A 1 25 ? -12.069 -1.284  -9.729  1.00 0.95 ? 25 LYS A HE2  1 
ATOM 409 H HE3  . LYS A 1 25 ? -11.450 -0.094  -8.581  1.00 0.96 ? 25 LYS A HE3  1 
ATOM 410 H HZ1  . LYS A 1 25 ? -11.029 -0.119  -11.519 1.00 1.93 ? 25 LYS A HZ1  1 
ATOM 411 H HZ2  . LYS A 1 25 ? -10.262 0.958   -10.450 1.00 1.90 ? 25 LYS A HZ2  1 
ATOM 412 H HZ3  . LYS A 1 25 ? -11.953 0.995   -10.633 1.00 1.63 ? 25 LYS A HZ3  1 
ATOM 413 N N    . VAL A 1 26 ? -5.495  -3.263  -8.000  1.00 0.18 ? 26 VAL A N    1 
ATOM 414 C CA   . VAL A 1 26 ? -4.226  -3.600  -7.382  1.00 0.15 ? 26 VAL A CA   1 
ATOM 415 C C    . VAL A 1 26 ? -3.240  -2.430  -7.511  1.00 0.15 ? 26 VAL A C    1 
ATOM 416 O O    . VAL A 1 26 ? -2.649  -1.994  -6.524  1.00 0.14 ? 26 VAL A O    1 
ATOM 417 C CB   . VAL A 1 26 ? -3.651  -4.843  -8.049  1.00 0.20 ? 26 VAL A CB   1 
ATOM 418 C CG1  . VAL A 1 26 ? -2.178  -4.989  -7.684  1.00 0.23 ? 26 VAL A CG1  1 
ATOM 419 C CG2  . VAL A 1 26 ? -4.420  -6.068  -7.564  1.00 0.24 ? 26 VAL A CG2  1 
ATOM 420 H H    . VAL A 1 26 ? -5.892  -3.874  -8.653  1.00 0.20 ? 26 VAL A H    1 
ATOM 421 H HA   . VAL A 1 26 ? -4.394  -3.812  -6.334  1.00 0.15 ? 26 VAL A HA   1 
ATOM 422 H HB   . VAL A 1 26 ? -3.750  -4.755  -9.121  1.00 0.24 ? 26 VAL A HB   1 
ATOM 423 H HG11 . VAL A 1 26 ? -1.629  -4.134  -8.050  1.00 1.08 ? 26 VAL A HG11 1 
ATOM 424 H HG12 . VAL A 1 26 ? -1.784  -5.889  -8.131  1.00 0.98 ? 26 VAL A HG12 1 
ATOM 425 H HG13 . VAL A 1 26 ? -2.078  -5.046  -6.609  1.00 1.08 ? 26 VAL A HG13 1 
ATOM 426 H HG21 . VAL A 1 26 ? -4.031  -6.952  -8.044  1.00 1.02 ? 26 VAL A HG21 1 
ATOM 427 H HG22 . VAL A 1 26 ? -5.467  -5.956  -7.807  1.00 1.01 ? 26 VAL A HG22 1 
ATOM 428 H HG23 . VAL A 1 26 ? -4.309  -6.161  -6.494  1.00 0.96 ? 26 VAL A HG23 1 
ATOM 429 N N    . THR A 1 27 ? -3.063  -1.918  -8.725  1.00 0.21 ? 27 THR A N    1 
ATOM 430 C CA   . THR A 1 27 ? -2.149  -0.802  -8.926  1.00 0.24 ? 27 THR A CA   1 
ATOM 431 C C    . THR A 1 27 ? -2.676  0.447   -8.215  1.00 0.24 ? 27 THR A C    1 
ATOM 432 O O    . THR A 1 27 ? -1.903  1.233   -7.673  1.00 0.28 ? 27 THR A O    1 
ATOM 433 C CB   . THR A 1 27 ? -1.952  -0.524  -10.413 1.00 0.33 ? 27 THR A CB   1 
ATOM 434 O OG1  . THR A 1 27 ? -0.995  0.515   -10.575 1.00 1.29 ? 27 THR A OG1  1 
ATOM 435 C CG2  . THR A 1 27 ? -3.272  -0.102  -11.051 1.00 1.13 ? 27 THR A CG2  1 
ATOM 436 H H    . THR A 1 27 ? -3.551  -2.293  -9.489  1.00 0.24 ? 27 THR A H    1 
ATOM 437 H HA   . THR A 1 27 ? -1.195  -1.062  -8.495  1.00 0.25 ? 27 THR A HA   1 
ATOM 438 H HB   . THR A 1 27 ? -1.590  -1.418  -10.893 1.00 0.96 ? 27 THR A HB   1 
ATOM 439 H HG1  . THR A 1 27 ? -0.313  0.202   -11.174 1.00 1.87 ? 27 THR A HG1  1 
ATOM 440 H HG21 . THR A 1 27 ? -3.587  0.842   -10.634 1.00 1.71 ? 27 THR A HG21 1 
ATOM 441 H HG22 . THR A 1 27 ? -4.023  -0.850  -10.854 1.00 1.73 ? 27 THR A HG22 1 
ATOM 442 H HG23 . THR A 1 27 ? -3.139  0.002   -12.118 1.00 1.75 ? 27 THR A HG23 1 
ATOM 443 N N    . GLU A 1 28 ? -3.990  0.634   -8.221  1.00 0.26 ? 28 GLU A N    1 
ATOM 444 C CA   . GLU A 1 28 ? -4.570  1.778   -7.537  1.00 0.30 ? 28 GLU A CA   1 
ATOM 445 C C    . GLU A 1 28 ? -4.041  1.810   -6.107  1.00 0.26 ? 28 GLU A C    1 
ATOM 446 O O    . GLU A 1 28 ? -3.590  2.843   -5.615  1.00 0.31 ? 28 GLU A O    1 
ATOM 447 C CB   . GLU A 1 28 ? -6.091  1.671   -7.521  1.00 0.35 ? 28 GLU A CB   1 
ATOM 448 C CG   . GLU A 1 28 ? -6.672  2.392   -8.731  1.00 0.56 ? 28 GLU A CG   1 
ATOM 449 C CD   . GLU A 1 28 ? -8.192  2.216   -8.751  1.00 1.57 ? 28 GLU A CD   1 
ATOM 450 O OE1  . GLU A 1 28 ? -8.814  2.520   -7.747  1.00 2.14 ? 28 GLU A OE1  1 
ATOM 451 O OE2  . GLU A 1 28 ? -8.710  1.775   -9.765  1.00 2.39 ? 28 GLU A OE2  1 
ATOM 452 H H    . GLU A 1 28 ? -4.571  0.001   -8.690  1.00 0.28 ? 28 GLU A H    1 
ATOM 453 H HA   . GLU A 1 28 ? -4.279  2.684   -8.046  1.00 0.35 ? 28 GLU A HA   1 
ATOM 454 H HB2  . GLU A 1 28 ? -6.377  0.631   -7.552  1.00 0.55 ? 28 GLU A HB2  1 
ATOM 455 H HB3  . GLU A 1 28 ? -6.472  2.122   -6.619  1.00 0.53 ? 28 GLU A HB3  1 
ATOM 456 H HG2  . GLU A 1 28 ? -6.431  3.444   -8.673  1.00 0.62 ? 28 GLU A HG2  1 
ATOM 457 H HG3  . GLU A 1 28 ? -6.252  1.977   -9.635  1.00 1.07 ? 28 GLU A HG3  1 
ATOM 458 N N    . ALA A 1 29 ? -4.095  0.666   -5.443  1.00 0.22 ? 29 ALA A N    1 
ATOM 459 C CA   . ALA A 1 29 ? -3.589  0.577   -4.085  1.00 0.21 ? 29 ALA A CA   1 
ATOM 460 C C    . ALA A 1 29 ? -2.085  0.811   -4.080  1.00 0.19 ? 29 ALA A C    1 
ATOM 461 O O    . ALA A 1 29 ? -1.565  1.509   -3.216  1.00 0.19 ? 29 ALA A O    1 
ATOM 462 C CB   . ALA A 1 29 ? -3.893  -0.790  -3.493  1.00 0.22 ? 29 ALA A CB   1 
ATOM 463 H H    . ALA A 1 29 ? -4.495  -0.124  -5.869  1.00 0.24 ? 29 ALA A H    1 
ATOM 464 H HA   . ALA A 1 29 ? -4.062  1.336   -3.488  1.00 0.25 ? 29 ALA A HA   1 
ATOM 465 H HB1  . ALA A 1 29 ? -3.499  -0.844  -2.490  1.00 1.02 ? 29 ALA A HB1  1 
ATOM 466 H HB2  . ALA A 1 29 ? -3.434  -1.555  -4.102  1.00 1.04 ? 29 ALA A HB2  1 
ATOM 467 H HB3  . ALA A 1 29 ? -4.962  -0.942  -3.468  1.00 1.05 ? 29 ALA A HB3  1 
ATOM 468 N N    . VAL A 1 30 ? -1.395  0.235   -5.055  1.00 0.21 ? 30 VAL A N    1 
ATOM 469 C CA   . VAL A 1 30 ? 0.045   0.407   -5.156  1.00 0.24 ? 30 VAL A CA   1 
ATOM 470 C C    . VAL A 1 30 ? 0.386   1.892   -5.010  1.00 0.20 ? 30 VAL A C    1 
ATOM 471 O O    . VAL A 1 30 ? 1.356   2.268   -4.355  1.00 0.20 ? 30 VAL A O    1 
ATOM 472 C CB   . VAL A 1 30 ? 0.520   -0.117  -6.514  1.00 0.30 ? 30 VAL A CB   1 
ATOM 473 C CG1  . VAL A 1 30 ? 1.620   0.783   -7.064  1.00 0.57 ? 30 VAL A CG1  1 
ATOM 474 C CG2  . VAL A 1 30 ? 1.058   -1.536  -6.350  1.00 0.38 ? 30 VAL A CG2  1 
ATOM 475 H H    . VAL A 1 30 ? -1.860  -0.327  -5.709  1.00 0.22 ? 30 VAL A H    1 
ATOM 476 H HA   . VAL A 1 30 ? 0.528   -0.149  -4.369  1.00 0.27 ? 30 VAL A HA   1 
ATOM 477 H HB   . VAL A 1 30 ? -0.311  -0.129  -7.210  1.00 0.32 ? 30 VAL A HB   1 
ATOM 478 H HG11 . VAL A 1 30 ? 2.395   0.902   -6.323  1.00 1.17 ? 30 VAL A HG11 1 
ATOM 479 H HG12 . VAL A 1 30 ? 1.205   1.751   -7.309  1.00 1.05 ? 30 VAL A HG12 1 
ATOM 480 H HG13 . VAL A 1 30 ? 2.038   0.338   -7.955  1.00 1.17 ? 30 VAL A HG13 1 
ATOM 481 H HG21 . VAL A 1 30 ? 0.259   -2.187  -6.025  1.00 1.08 ? 30 VAL A HG21 1 
ATOM 482 H HG22 . VAL A 1 30 ? 1.845   -1.539  -5.613  1.00 1.06 ? 30 VAL A HG22 1 
ATOM 483 H HG23 . VAL A 1 30 ? 1.446   -1.886  -7.295  1.00 1.09 ? 30 VAL A HG23 1 
ATOM 484 N N    . GLU A 1 31 ? -0.426  2.723   -5.632  1.00 0.20 ? 31 GLU A N    1 
ATOM 485 C CA   . GLU A 1 31 ? -0.244  4.160   -5.563  1.00 0.20 ? 31 GLU A CA   1 
ATOM 486 C C    . GLU A 1 31 ? -0.500  4.687   -4.158  1.00 0.17 ? 31 GLU A C    1 
ATOM 487 O O    . GLU A 1 31 ? 0.339   5.382   -3.601  1.00 0.19 ? 31 GLU A O    1 
ATOM 488 C CB   . GLU A 1 31 ? -1.176  4.821   -6.549  1.00 0.28 ? 31 GLU A CB   1 
ATOM 489 C CG   . GLU A 1 31 ? -0.782  4.336   -7.923  1.00 1.00 ? 31 GLU A CG   1 
ATOM 490 C CD   . GLU A 1 31 ? -1.651  5.002   -8.991  1.00 1.02 ? 31 GLU A CD   1 
ATOM 491 O OE1  . GLU A 1 31 ? -2.629  5.632   -8.623  1.00 1.46 ? 31 GLU A OE1  1 
ATOM 492 O OE2  . GLU A 1 31 ? -1.327  4.865   -10.158 1.00 1.40 ? 31 GLU A OE2  1 
ATOM 493 H H    . GLU A 1 31 ? -1.154  2.358   -6.167  1.00 0.24 ? 31 GLU A H    1 
ATOM 494 H HA   . GLU A 1 31 ? 0.773   4.394   -5.842  1.00 0.21 ? 31 GLU A HA   1 
ATOM 495 H HB2  . GLU A 1 31 ? -2.197  4.541   -6.335  1.00 1.00 ? 31 GLU A HB2  1 
ATOM 496 H HB3  . GLU A 1 31 ? -1.068  5.891   -6.496  1.00 0.84 ? 31 GLU A HB3  1 
ATOM 497 H HG2  . GLU A 1 31 ? 0.257   4.575   -8.091  1.00 1.50 ? 31 GLU A HG2  1 
ATOM 498 H HG3  . GLU A 1 31 ? -0.913  3.265   -7.963  1.00 1.60 ? 31 GLU A HG3  1 
ATOM 499 N N    . CYS A 1 32 ? -1.656  4.370   -3.583  1.00 0.16 ? 32 CYS A N    1 
ATOM 500 C CA   . CYS A 1 32 ? -1.944  4.839   -2.240  1.00 0.18 ? 32 CYS A CA   1 
ATOM 501 C C    . CYS A 1 32 ? -0.805  4.414   -1.323  1.00 0.18 ? 32 CYS A C    1 
ATOM 502 O O    . CYS A 1 32 ? -0.502  5.079   -0.345  1.00 0.27 ? 32 CYS A O    1 
ATOM 503 C CB   . CYS A 1 32 ? -3.263  4.264   -1.728  1.00 0.19 ? 32 CYS A CB   1 
ATOM 504 S SG   . CYS A 1 32 ? -4.424  4.094   -3.107  1.00 0.27 ? 32 CYS A SG   1 
ATOM 505 H H    . CYS A 1 32 ? -2.308  3.816   -4.058  1.00 0.17 ? 32 CYS A H    1 
ATOM 506 H HA   . CYS A 1 32 ? -2.008  5.918   -2.248  1.00 0.21 ? 32 CYS A HA   1 
ATOM 507 H HB2  . CYS A 1 32 ? -3.093  3.298   -1.269  1.00 0.20 ? 32 CYS A HB2  1 
ATOM 508 H HB3  . CYS A 1 32 ? -3.680  4.936   -0.996  1.00 0.22 ? 32 CYS A HB3  1 
ATOM 509 H HG   . CYS A 1 32 ? -4.360  4.885   -3.647  1.00 0.70 ? 32 CYS A HG   1 
ATOM 510 N N    . LEU A 1 33 ? -0.160  3.312   -1.660  1.00 0.16 ? 33 LEU A N    1 
ATOM 511 C CA   . LEU A 1 33 ? 0.945   2.833   -0.857  1.00 0.20 ? 33 LEU A CA   1 
ATOM 512 C C    . LEU A 1 33 ? 2.122   3.809   -0.957  1.00 0.24 ? 33 LEU A C    1 
ATOM 513 O O    . LEU A 1 33 ? 2.643   4.265   0.056   1.00 0.33 ? 33 LEU A O    1 
ATOM 514 C CB   . LEU A 1 33 ? 1.365   1.446   -1.329  1.00 0.23 ? 33 LEU A CB   1 
ATOM 515 C CG   . LEU A 1 33 ? 0.241   0.456   -1.042  1.00 0.21 ? 33 LEU A CG   1 
ATOM 516 C CD1  . LEU A 1 33 ? 0.624   -0.927  -1.548  1.00 0.47 ? 33 LEU A CD1  1 
ATOM 517 C CD2  . LEU A 1 33 ? -0.010  0.395   0.456   1.00 0.42 ? 33 LEU A CD2  1 
ATOM 518 H H    . LEU A 1 33 ? -0.430  2.812   -2.462  1.00 0.19 ? 33 LEU A H    1 
ATOM 519 H HA   . LEU A 1 33 ? 0.628   2.773   0.173   1.00 0.22 ? 33 LEU A HA   1 
ATOM 520 H HB2  . LEU A 1 33 ? 1.562   1.471   -2.390  1.00 0.29 ? 33 LEU A HB2  1 
ATOM 521 H HB3  . LEU A 1 33 ? 2.256   1.138   -0.805  1.00 0.27 ? 33 LEU A HB3  1 
ATOM 522 H HG   . LEU A 1 33 ? -0.658  0.781   -1.540  1.00 0.41 ? 33 LEU A HG   1 
ATOM 523 H HD11 . LEU A 1 33 ? 0.744   -0.897  -2.620  1.00 0.97 ? 33 LEU A HD11 1 
ATOM 524 H HD12 . LEU A 1 33 ? -0.154  -1.632  -1.294  1.00 1.10 ? 33 LEU A HD12 1 
ATOM 525 H HD13 . LEU A 1 33 ? 1.552   -1.234  -1.089  1.00 1.22 ? 33 LEU A HD13 1 
ATOM 526 H HD21 . LEU A 1 33 ? -0.508  1.297   0.776   1.00 1.24 ? 33 LEU A HD21 1 
ATOM 527 H HD22 . LEU A 1 33 ? 0.931   0.304   0.973   1.00 1.11 ? 33 LEU A HD22 1 
ATOM 528 H HD23 . LEU A 1 33 ? -0.626  -0.457  0.683   1.00 1.03 ? 33 LEU A HD23 1 
ATOM 529 N N    . LEU A 1 34 ? 2.518   4.146   -2.176  1.00 0.21 ? 34 LEU A N    1 
ATOM 530 C CA   . LEU A 1 34 ? 3.635   5.064   -2.370  1.00 0.25 ? 34 LEU A CA   1 
ATOM 531 C C    . LEU A 1 34 ? 3.261   6.482   -1.915  1.00 0.25 ? 34 LEU A C    1 
ATOM 532 O O    . LEU A 1 34 ? 4.051   7.177   -1.276  1.00 0.23 ? 34 LEU A O    1 
ATOM 533 C CB   . LEU A 1 34 ? 4.027   5.077   -3.845  1.00 0.37 ? 34 LEU A CB   1 
ATOM 534 C CG   . LEU A 1 34 ? 5.424   5.671   -4.002  1.00 0.97 ? 34 LEU A CG   1 
ATOM 535 C CD1  . LEU A 1 34 ? 6.120   5.022   -5.194  1.00 1.26 ? 34 LEU A CD1  1 
ATOM 536 C CD2  . LEU A 1 34 ? 5.319   7.174   -4.240  1.00 1.55 ? 34 LEU A CD2  1 
ATOM 537 H H    . LEU A 1 34 ? 2.055   3.772   -2.960  1.00 0.21 ? 34 LEU A H    1 
ATOM 538 H HA   . LEU A 1 34 ? 4.475   4.721   -1.789  1.00 0.26 ? 34 LEU A HA   1 
ATOM 539 H HB2  . LEU A 1 34 ? 4.019   4.067   -4.228  1.00 0.98 ? 34 LEU A HB2  1 
ATOM 540 H HB3  . LEU A 1 34 ? 3.320   5.676   -4.399  1.00 0.73 ? 34 LEU A HB3  1 
ATOM 541 H HG   . LEU A 1 34 ? 5.997   5.485   -3.105  1.00 1.67 ? 34 LEU A HG   1 
ATOM 542 H HD11 . LEU A 1 34 ? 5.538   5.192   -6.087  1.00 1.69 ? 34 LEU A HD11 1 
ATOM 543 H HD12 . LEU A 1 34 ? 6.213   3.960   -5.021  1.00 1.27 ? 34 LEU A HD12 1 
ATOM 544 H HD13 . LEU A 1 34 ? 7.102   5.454   -5.316  1.00 2.07 ? 34 LEU A HD13 1 
ATOM 545 H HD21 . LEU A 1 34 ? 4.755   7.357   -5.143  1.00 1.72 ? 34 LEU A HD21 1 
ATOM 546 H HD22 . LEU A 1 34 ? 6.309   7.591   -4.344  1.00 2.23 ? 34 LEU A HD22 1 
ATOM 547 H HD23 . LEU A 1 34 ? 4.819   7.638   -3.403  1.00 2.05 ? 34 LEU A HD23 1 
ATOM 548 N N    . SER A 1 35 ? 2.055   6.902   -2.244  1.00 0.29 ? 35 SER A N    1 
ATOM 549 C CA   . SER A 1 35 ? 1.597   8.234   -1.880  1.00 0.34 ? 35 SER A CA   1 
ATOM 550 C C    . SER A 1 35 ? 1.384   8.359   -0.369  1.00 0.33 ? 35 SER A C    1 
ATOM 551 O O    . SER A 1 35 ? 1.966   9.223   0.281   1.00 0.38 ? 35 SER A O    1 
ATOM 552 C CB   . SER A 1 35 ? 0.290   8.531   -2.603  1.00 0.39 ? 35 SER A CB   1 
ATOM 553 O OG   . SER A 1 35 ? 0.467   8.324   -3.996  1.00 1.36 ? 35 SER A OG   1 
ATOM 554 H H    . SER A 1 35 ? 1.459   6.308   -2.750  1.00 0.30 ? 35 SER A H    1 
ATOM 555 H HA   . SER A 1 35 ? 2.336   8.953   -2.188  1.00 0.39 ? 35 SER A HA   1 
ATOM 556 H HB2  . SER A 1 35 ? -0.483  7.872   -2.237  1.00 0.98 ? 35 SER A HB2  1 
ATOM 557 H HB3  . SER A 1 35 ? 0.003   9.557   -2.421  1.00 0.95 ? 35 SER A HB3  1 
ATOM 558 H HG   . SER A 1 35 ? -0.074  8.965   -4.462  1.00 1.59 ? 35 SER A HG   1 
ATOM 559 N N    . LEU A 1 36 ? 0.555   7.489   0.184   1.00 0.29 ? 36 LEU A N    1 
ATOM 560 C CA   . LEU A 1 36 ? 0.252   7.542   1.610   1.00 0.35 ? 36 LEU A CA   1 
ATOM 561 C C    . LEU A 1 36 ? 1.528   7.408   2.437   1.00 0.28 ? 36 LEU A C    1 
ATOM 562 O O    . LEU A 1 36 ? 1.744   8.165   3.377   1.00 0.30 ? 36 LEU A O    1 
ATOM 563 C CB   . LEU A 1 36 ? -0.728  6.429   1.984   1.00 0.40 ? 36 LEU A CB   1 
ATOM 564 C CG   . LEU A 1 36 ? -1.625  6.870   3.141   1.00 0.57 ? 36 LEU A CG   1 
ATOM 565 C CD1  . LEU A 1 36 ? -0.785  7.185   4.374   1.00 0.88 ? 36 LEU A CD1  1 
ATOM 566 C CD2  . LEU A 1 36 ? -2.408  8.113   2.732   1.00 1.48 ? 36 LEU A CD2  1 
ATOM 567 H H    . LEU A 1 36 ? 0.146   6.795   -0.372  1.00 0.26 ? 36 LEU A H    1 
ATOM 568 H HA   . LEU A 1 36 ? -0.202  8.493   1.831   1.00 0.48 ? 36 LEU A HA   1 
ATOM 569 H HB2  . LEU A 1 36 ? -1.345  6.197   1.129   1.00 0.57 ? 36 LEU A HB2  1 
ATOM 570 H HB3  . LEU A 1 36 ? -0.175  5.549   2.275   1.00 0.41 ? 36 LEU A HB3  1 
ATOM 571 H HG   . LEU A 1 36 ? -2.316  6.074   3.375   1.00 1.51 ? 36 LEU A HG   1 
ATOM 572 H HD11 . LEU A 1 36 ? -0.142  6.347   4.596   1.00 1.69 ? 36 LEU A HD11 1 
ATOM 573 H HD12 . LEU A 1 36 ? -1.438  7.368   5.214   1.00 1.49 ? 36 LEU A HD12 1 
ATOM 574 H HD13 . LEU A 1 36 ? -0.185  8.062   4.189   1.00 1.28 ? 36 LEU A HD13 1 
ATOM 575 H HD21 . LEU A 1 36 ? -1.723  8.928   2.545   1.00 1.96 ? 36 LEU A HD21 1 
ATOM 576 H HD22 . LEU A 1 36 ? -3.084  8.388   3.527   1.00 2.14 ? 36 LEU A HD22 1 
ATOM 577 H HD23 . LEU A 1 36 ? -2.972  7.905   1.836   1.00 2.05 ? 36 LEU A HD23 1 
ATOM 578 N N    . LYS A 1 37 ? 2.375   6.455   2.093   1.00 0.23 ? 37 LYS A N    1 
ATOM 579 C CA   . LYS A 1 37 ? 3.602   6.268   2.847   1.00 0.23 ? 37 LYS A CA   1 
ATOM 580 C C    . LYS A 1 37 ? 4.394   7.578   2.888   1.00 0.18 ? 37 LYS A C    1 
ATOM 581 O O    . LYS A 1 37 ? 4.947   7.946   3.927   1.00 0.15 ? 37 LYS A O    1 
ATOM 582 C CB   . LYS A 1 37 ? 4.445   5.155   2.233   1.00 0.40 ? 37 LYS A CB   1 
ATOM 583 C CG   . LYS A 1 37 ? 5.120   5.643   0.957   1.00 0.73 ? 37 LYS A CG   1 
ATOM 584 C CD   . LYS A 1 37 ? 6.130   4.609   0.479   1.00 0.57 ? 37 LYS A CD   1 
ATOM 585 C CE   . LYS A 1 37 ? 7.186   5.300   -0.380  1.00 0.80 ? 37 LYS A CE   1 
ATOM 586 N NZ   . LYS A 1 37 ? 8.537   4.769   -0.035  1.00 1.02 ? 37 LYS A NZ   1 
ATOM 587 H H    . LYS A 1 37 ? 2.176   5.877   1.329   1.00 0.23 ? 37 LYS A H    1 
ATOM 588 H HA   . LYS A 1 37 ? 3.343   5.991   3.859   1.00 0.30 ? 37 LYS A HA   1 
ATOM 589 H HB2  . LYS A 1 37 ? 5.198   4.849   2.941   1.00 1.11 ? 37 LYS A HB2  1 
ATOM 590 H HB3  . LYS A 1 37 ? 3.810   4.315   2.001   1.00 1.05 ? 37 LYS A HB3  1 
ATOM 591 H HG2  . LYS A 1 37 ? 4.373   5.793   0.196   1.00 1.33 ? 37 LYS A HG2  1 
ATOM 592 H HG3  . LYS A 1 37 ? 5.630   6.574   1.151   1.00 1.40 ? 37 LYS A HG3  1 
ATOM 593 H HD2  . LYS A 1 37 ? 6.602   4.143   1.331   1.00 1.01 ? 37 LYS A HD2  1 
ATOM 594 H HD3  . LYS A 1 37 ? 5.624   3.858   -0.109  1.00 0.61 ? 37 LYS A HD3  1 
ATOM 595 H HE2  . LYS A 1 37 ? 6.982   5.106   -1.423  1.00 1.46 ? 37 LYS A HE2  1 
ATOM 596 H HE3  . LYS A 1 37 ? 7.160   6.363   -0.198  1.00 1.46 ? 37 LYS A HE3  1 
ATOM 597 H HZ1  . LYS A 1 37 ? 8.678   3.848   -0.501  1.00 1.55 ? 37 LYS A HZ1  1 
ATOM 598 H HZ2  . LYS A 1 37 ? 8.608   4.648   0.997   1.00 1.62 ? 37 LYS A HZ2  1 
ATOM 599 H HZ3  . LYS A 1 37 ? 9.267   5.437   -0.358  1.00 1.48 ? 37 LYS A HZ3  1 
ATOM 600 N N    . ALA A 1 38 ? 4.442   8.284   1.762   1.00 0.24 ? 38 ALA A N    1 
ATOM 601 C CA   . ALA A 1 38 ? 5.156   9.550   1.709   1.00 0.30 ? 38 ALA A CA   1 
ATOM 602 C C    . ALA A 1 38 ? 4.554   10.512  2.732   1.00 0.28 ? 38 ALA A C    1 
ATOM 603 O O    . ALA A 1 38 ? 5.268   11.263  3.394   1.00 0.32 ? 38 ALA A O    1 
ATOM 604 C CB   . ALA A 1 38 ? 5.051   10.147  0.310   1.00 0.38 ? 38 ALA A CB   1 
ATOM 605 H H    . ALA A 1 38 ? 3.999   7.945   0.954   1.00 0.28 ? 38 ALA A H    1 
ATOM 606 H HA   . ALA A 1 38 ? 6.195   9.383   1.948   1.00 0.33 ? 38 ALA A HA   1 
ATOM 607 H HB1  . ALA A 1 38 ? 5.461   9.452   -0.409  1.00 1.06 ? 38 ALA A HB1  1 
ATOM 608 H HB2  . ALA A 1 38 ? 5.606   11.073  0.273   1.00 1.10 ? 38 ALA A HB2  1 
ATOM 609 H HB3  . ALA A 1 38 ? 4.016   10.338  0.076   1.00 1.10 ? 38 ALA A HB3  1 
ATOM 610 N N    . GLU A 1 39 ? 3.234   10.482  2.852   1.00 0.28 ? 39 GLU A N    1 
ATOM 611 C CA   . GLU A 1 39 ? 2.550   11.333  3.814   1.00 0.32 ? 39 GLU A CA   1 
ATOM 612 C C    . GLU A 1 39 ? 2.879   10.847  5.224   1.00 0.29 ? 39 GLU A C    1 
ATOM 613 O O    . GLU A 1 39 ? 3.093   11.642  6.137   1.00 0.37 ? 39 GLU A O    1 
ATOM 614 C CB   . GLU A 1 39 ? 1.040   11.269  3.596   1.00 0.37 ? 39 GLU A CB   1 
ATOM 615 C CG   . GLU A 1 39 ? 0.713   11.601  2.146   1.00 1.16 ? 39 GLU A CG   1 
ATOM 616 C CD   . GLU A 1 39 ? 1.306   12.962  1.779   1.00 1.36 ? 39 GLU A CD   1 
ATOM 617 O OE1  . GLU A 1 39 ? 0.961   13.931  2.435   1.00 1.26 ? 39 GLU A OE1  1 
ATOM 618 O OE2  . GLU A 1 39 ? 2.095   13.010  0.851   1.00 2.16 ? 39 GLU A OE2  1 
ATOM 619 H H    . GLU A 1 39 ? 2.714   9.872   2.286   1.00 0.28 ? 39 GLU A H    1 
ATOM 620 H HA   . GLU A 1 39 ? 2.888   12.351  3.696   1.00 0.37 ? 39 GLU A HA   1 
ATOM 621 H HB2  . GLU A 1 39 ? 0.685   10.276  3.827   1.00 1.13 ? 39 GLU A HB2  1 
ATOM 622 H HB3  . GLU A 1 39 ? 0.555   11.984  4.244   1.00 1.07 ? 39 GLU A HB3  1 
ATOM 623 H HG2  . GLU A 1 39 ? 1.125   10.842  1.500   1.00 1.71 ? 39 GLU A HG2  1 
ATOM 624 H HG3  . GLU A 1 39 ? -0.360  11.634  2.020   1.00 1.75 ? 39 GLU A HG3  1 
ATOM 625 N N    . TYR A 1 40 ? 2.899   9.529   5.381   1.00 0.21 ? 40 TYR A N    1 
ATOM 626 C CA   . TYR A 1 40 ? 3.217   8.906   6.656   1.00 0.21 ? 40 TYR A CA   1 
ATOM 627 C C    . TYR A 1 40 ? 4.553   9.436   7.184   1.00 0.18 ? 40 TYR A C    1 
ATOM 628 O O    . TYR A 1 40 ? 4.585   10.427  7.912   1.00 0.22 ? 40 TYR A O    1 
ATOM 629 C CB   . TYR A 1 40 ? 3.283   7.392   6.459   1.00 0.21 ? 40 TYR A CB   1 
ATOM 630 C CG   . TYR A 1 40 ? 3.757   6.723   7.725   1.00 0.23 ? 40 TYR A CG   1 
ATOM 631 C CD1  . TYR A 1 40 ? 3.013   6.835   8.903   1.00 0.33 ? 40 TYR A CD1  1 
ATOM 632 C CD2  . TYR A 1 40 ? 4.950   5.991   7.716   1.00 0.19 ? 40 TYR A CD2  1 
ATOM 633 C CE1  . TYR A 1 40 ? 3.464   6.218   10.073  1.00 0.37 ? 40 TYR A CE1  1 
ATOM 634 C CE2  . TYR A 1 40 ? 5.401   5.371   8.884   1.00 0.23 ? 40 TYR A CE2  1 
ATOM 635 C CZ   . TYR A 1 40 ? 4.658   5.489   10.065  1.00 0.32 ? 40 TYR A CZ   1 
ATOM 636 O OH   . TYR A 1 40 ? 5.119   4.919   11.231  1.00 0.38 ? 40 TYR A OH   1 
ATOM 637 H H    . TYR A 1 40 ? 2.676   8.956   4.617   1.00 0.20 ? 40 TYR A H    1 
ATOM 638 H HA   . TYR A 1 40 ? 2.439   9.136   7.367   1.00 0.26 ? 40 TYR A HA   1 
ATOM 639 H HB2  . TYR A 1 40 ? 2.302   7.022   6.201   1.00 0.25 ? 40 TYR A HB2  1 
ATOM 640 H HB3  . TYR A 1 40 ? 3.973   7.164   5.658   1.00 0.18 ? 40 TYR A HB3  1 
ATOM 641 H HD1  . TYR A 1 40 ? 2.089   7.397   8.909   1.00 0.39 ? 40 TYR A HD1  1 
ATOM 642 H HD2  . TYR A 1 40 ? 5.525   5.908   6.807   1.00 0.19 ? 40 TYR A HD2  1 
ATOM 643 H HE1  . TYR A 1 40 ? 2.889   6.303   10.983  1.00 0.46 ? 40 TYR A HE1  1 
ATOM 644 H HE2  . TYR A 1 40 ? 6.310   4.779   8.865   1.00 0.23 ? 40 TYR A HE2  1 
ATOM 645 H HH   . TYR A 1 40 ? 5.851   5.452   11.548  1.00 0.99 ? 40 TYR A HH   1 
ATOM 646 N N    . LYS A 1 41 ? 5.646   8.774   6.801   1.00 0.15 ? 41 LYS A N    1 
ATOM 647 C CA   . LYS A 1 41 ? 6.983   9.169   7.231   1.00 0.19 ? 41 LYS A CA   1 
ATOM 648 C C    . LYS A 1 41 ? 6.954   9.805   8.624   1.00 0.24 ? 41 LYS A C    1 
ATOM 649 O O    . LYS A 1 41 ? 7.538   10.864  8.846   1.00 0.28 ? 41 LYS A O    1 
ATOM 650 C CB   . LYS A 1 41 ? 7.554   10.160  6.218   1.00 0.21 ? 41 LYS A CB   1 
ATOM 651 C CG   . LYS A 1 41 ? 9.069   10.251  6.371   1.00 1.31 ? 41 LYS A CG   1 
ATOM 652 C CD   . LYS A 1 41 ? 9.647   11.069  5.221   1.00 1.29 ? 41 LYS A CD   1 
ATOM 653 C CE   . LYS A 1 41 ? 11.158  11.185  5.391   1.00 2.47 ? 41 LYS A CE   1 
ATOM 654 N NZ   . LYS A 1 41 ? 11.758  11.756  4.151   1.00 2.51 ? 41 LYS A NZ   1 
ATOM 655 H H    . LYS A 1 41 ? 5.554   8.008   6.199   1.00 0.13 ? 41 LYS A H    1 
ATOM 656 H HA   . LYS A 1 41 ? 7.610   8.293   7.261   1.00 0.21 ? 41 LYS A HA   1 
ATOM 657 H HB2  . LYS A 1 41 ? 7.313   9.829   5.218   1.00 1.07 ? 41 LYS A HB2  1 
ATOM 658 H HB3  . LYS A 1 41 ? 7.119   11.135  6.387   1.00 0.89 ? 41 LYS A HB3  1 
ATOM 659 H HG2  . LYS A 1 41 ? 9.308   10.729  7.309   1.00 1.91 ? 41 LYS A HG2  1 
ATOM 660 H HG3  . LYS A 1 41 ? 9.493   9.261   6.351   1.00 2.01 ? 41 LYS A HG3  1 
ATOM 661 H HD2  . LYS A 1 41 ? 9.425   10.578  4.284   1.00 1.42 ? 41 LYS A HD2  1 
ATOM 662 H HD3  . LYS A 1 41 ? 9.208   12.056  5.224   1.00 1.10 ? 41 LYS A HD3  1 
ATOM 663 H HE2  . LYS A 1 41 ? 11.377  11.832  6.228   1.00 2.96 ? 41 LYS A HE2  1 
ATOM 664 H HE3  . LYS A 1 41 ? 11.575  10.206  5.574   1.00 3.08 ? 41 LYS A HE3  1 
ATOM 665 H HZ1  . LYS A 1 41 ? 11.565  11.118  3.351   1.00 2.87 ? 41 LYS A HZ1  1 
ATOM 666 H HZ2  . LYS A 1 41 ? 12.786  11.854  4.278   1.00 2.21 ? 41 LYS A HZ2  1 
ATOM 667 H HZ3  . LYS A 1 41 ? 11.340  12.689  3.960   1.00 2.94 ? 41 LYS A HZ3  1 
ATOM 668 N N    . GLU A 1 42 ? 6.280   9.152   9.561   1.00 0.27 ? 42 GLU A N    1 
ATOM 669 C CA   . GLU A 1 42 ? 6.187   9.682   10.909  1.00 0.35 ? 42 GLU A CA   1 
ATOM 670 C C    . GLU A 1 42 ? 7.506   9.480   11.650  1.00 0.40 ? 42 GLU A C    1 
ATOM 671 O O    . GLU A 1 42 ? 8.264   10.426  11.858  1.00 0.44 ? 42 GLU A O    1 
ATOM 672 C CB   . GLU A 1 42 ? 5.060   8.991   11.669  1.00 0.41 ? 42 GLU A CB   1 
ATOM 673 C CG   . GLU A 1 42 ? 3.718   9.526   11.186  1.00 0.46 ? 42 GLU A CG   1 
ATOM 674 C CD   . GLU A 1 42 ? 2.590   8.935   12.033  1.00 0.62 ? 42 GLU A CD   1 
ATOM 675 O OE1  . GLU A 1 42 ? 2.668   9.046   13.244  1.00 1.31 ? 42 GLU A OE1  1 
ATOM 676 O OE2  . GLU A 1 42 ? 1.668   8.384   11.456  1.00 1.19 ? 42 GLU A OE2  1 
ATOM 677 H H    . GLU A 1 42 ? 5.840   8.305   9.341   1.00 0.25 ? 42 GLU A H    1 
ATOM 678 H HA   . GLU A 1 42 ? 5.974   10.739  10.856  1.00 0.35 ? 42 GLU A HA   1 
ATOM 679 H HB2  . GLU A 1 42 ? 5.107   7.926   11.494  1.00 0.40 ? 42 GLU A HB2  1 
ATOM 680 H HB3  . GLU A 1 42 ? 5.164   9.188   12.725  1.00 0.54 ? 42 GLU A HB3  1 
ATOM 681 H HG2  . GLU A 1 42 ? 3.708   10.602  11.275  1.00 0.55 ? 42 GLU A HG2  1 
ATOM 682 H HG3  . GLU A 1 42 ? 3.572   9.250   10.153  1.00 0.44 ? 42 GLU A HG3  1 
ATOM 683 N N    . LYS A 1 43 ? 7.784   8.244   12.035  1.00 0.43 ? 43 LYS A N    1 
ATOM 684 C CA   . LYS A 1 43 ? 9.008   7.956   12.764  1.00 0.51 ? 43 LYS A CA   1 
ATOM 685 C C    . LYS A 1 43 ? 9.202   6.449   12.903  1.00 0.51 ? 43 LYS A C    1 
ATOM 686 O O    . LYS A 1 43 ? 9.601   5.958   13.957  1.00 0.60 ? 43 LYS A O    1 
ATOM 687 C CB   . LYS A 1 43 ? 8.929   8.585   14.151  1.00 0.61 ? 43 LYS A CB   1 
ATOM 688 C CG   . LYS A 1 43 ? 7.613   8.185   14.806  1.00 0.63 ? 43 LYS A CG   1 
ATOM 689 C CD   . LYS A 1 43 ? 7.583   8.686   16.244  1.00 0.76 ? 43 LYS A CD   1 
ATOM 690 C CE   . LYS A 1 43 ? 6.255   8.303   16.891  1.00 0.99 ? 43 LYS A CE   1 
ATOM 691 N NZ   . LYS A 1 43 ? 6.136   6.817   16.957  1.00 1.67 ? 43 LYS A NZ   1 
ATOM 692 H H    . LYS A 1 43 ? 7.162   7.514   11.818  1.00 0.42 ? 43 LYS A H    1 
ATOM 693 H HA   . LYS A 1 43 ? 9.848   8.377   12.232  1.00 0.52 ? 43 LYS A HA   1 
ATOM 694 H HB2  . LYS A 1 43 ? 9.755   8.234   14.753  1.00 0.66 ? 43 LYS A HB2  1 
ATOM 695 H HB3  . LYS A 1 43 ? 8.975   9.660   14.064  1.00 0.62 ? 43 LYS A HB3  1 
ATOM 696 H HG2  . LYS A 1 43 ? 6.791   8.621   14.256  1.00 0.59 ? 43 LYS A HG2  1 
ATOM 697 H HG3  . LYS A 1 43 ? 7.520   7.109   14.797  1.00 0.62 ? 43 LYS A HG3  1 
ATOM 698 H HD2  . LYS A 1 43 ? 8.396   8.240   16.798  1.00 1.08 ? 43 LYS A HD2  1 
ATOM 699 H HD3  . LYS A 1 43 ? 7.688   9.761   16.253  1.00 1.31 ? 43 LYS A HD3  1 
ATOM 700 H HE2  . LYS A 1 43 ? 6.211   8.711   17.890  1.00 1.45 ? 43 LYS A HE2  1 
ATOM 701 H HE3  . LYS A 1 43 ? 5.441   8.703   16.303  1.00 1.66 ? 43 LYS A HE3  1 
ATOM 702 H HZ1  . LYS A 1 43 ? 5.273   6.563   17.478  1.00 2.20 ? 43 LYS A HZ1  1 
ATOM 703 H HZ2  . LYS A 1 43 ? 6.967   6.425   17.446  1.00 2.03 ? 43 LYS A HZ2  1 
ATOM 704 H HZ3  . LYS A 1 43 ? 6.083   6.428   15.995  1.00 2.16 ? 43 LYS A HZ3  1 
ATOM 705 N N    . THR A 1 44 ? 8.920   5.718   11.838  1.00 0.42 ? 44 THR A N    1 
ATOM 706 C CA   . THR A 1 44 ? 9.073   4.276   11.872  1.00 0.42 ? 44 THR A CA   1 
ATOM 707 C C    . THR A 1 44 ? 9.764   3.791   10.605  1.00 0.37 ? 44 THR A C    1 
ATOM 708 O O    . THR A 1 44 ? 10.900  3.324   10.644  1.00 0.43 ? 44 THR A O    1 
ATOM 709 C CB   . THR A 1 44 ? 7.707   3.607   11.993  1.00 0.40 ? 44 THR A CB   1 
ATOM 710 O OG1  . THR A 1 44 ? 7.082   4.014   13.204  1.00 0.48 ? 44 THR A OG1  1 
ATOM 711 C CG2  . THR A 1 44 ? 7.880   2.092   11.993  1.00 0.45 ? 44 THR A CG2  1 
ATOM 712 H H    . THR A 1 44 ? 8.613   6.153   11.015  1.00 0.37 ? 44 THR A H    1 
ATOM 713 H HA   . THR A 1 44 ? 9.672   4.005   12.724  1.00 0.48 ? 44 THR A HA   1 
ATOM 714 H HB   . THR A 1 44 ? 7.091   3.894   11.155  1.00 0.39 ? 44 THR A HB   1 
ATOM 715 H HG1  . THR A 1 44 ? 6.149   4.146   13.022  1.00 1.03 ? 44 THR A HG1  1 
ATOM 716 H HG21 . THR A 1 44 ? 8.381   1.787   11.086  1.00 0.98 ? 44 THR A HG21 1 
ATOM 717 H HG22 . THR A 1 44 ? 6.911   1.619   12.043  1.00 1.08 ? 44 THR A HG22 1 
ATOM 718 H HG23 . THR A 1 44 ? 8.471   1.796   12.848  1.00 1.15 ? 44 THR A HG23 1 
ATOM 719 N N    . GLY A 1 45 ? 9.078   3.906   9.481   1.00 0.29 ? 45 GLY A N    1 
ATOM 720 C CA   . GLY A 1 45 ? 9.639   3.446   8.229   1.00 0.28 ? 45 GLY A CA   1 
ATOM 721 C C    . GLY A 1 45 ? 10.047  4.615   7.333   1.00 0.26 ? 45 GLY A C    1 
ATOM 722 O O    . GLY A 1 45 ? 10.951  4.477   6.513   1.00 0.29 ? 45 GLY A O    1 
ATOM 723 H H    . GLY A 1 45 ? 8.187   4.319   9.489   1.00 0.27 ? 45 GLY A H    1 
ATOM 724 H HA2  . GLY A 1 45 ? 10.510  2.843   8.441   1.00 0.34 ? 45 GLY A HA2  1 
ATOM 725 H HA3  . GLY A 1 45 ? 8.909   2.838   7.716   1.00 0.25 ? 45 GLY A HA3  1 
ATOM 726 N N    . LYS A 1 46 ? 9.399   5.768   7.505   1.00 0.23 ? 46 LYS A N    1 
ATOM 727 C CA   . LYS A 1 46 ? 9.672   6.914   6.652   1.00 0.22 ? 46 LYS A CA   1 
ATOM 728 C C    . LYS A 1 46 ? 9.297   6.516   5.242   1.00 0.18 ? 46 LYS A C    1 
ATOM 729 O O    . LYS A 1 46 ? 10.036  5.806   4.562   1.00 0.22 ? 46 LYS A O    1 
ATOM 730 C CB   . LYS A 1 46 ? 11.135  7.326   6.738   1.00 0.30 ? 46 LYS A CB   1 
ATOM 731 C CG   . LYS A 1 46 ? 11.503  7.580   8.197   1.00 0.52 ? 46 LYS A CG   1 
ATOM 732 C CD   . LYS A 1 46 ? 10.438  8.449   8.868   1.00 0.34 ? 46 LYS A CD   1 
ATOM 733 C CE   . LYS A 1 46 ? 11.033  9.800   9.238   1.00 0.53 ? 46 LYS A CE   1 
ATOM 734 N NZ   . LYS A 1 46 ? 12.027  9.632   10.336  1.00 0.51 ? 46 LYS A NZ   1 
ATOM 735 H H    . LYS A 1 46 ? 8.723   5.847   8.209   1.00 0.23 ? 46 LYS A H    1 
ATOM 736 H HA   . LYS A 1 46 ? 9.049   7.732   6.955   1.00 0.21 ? 46 LYS A HA   1 
ATOM 737 H HB2  . LYS A 1 46 ? 11.757  6.537   6.341   1.00 0.53 ? 46 LYS A HB2  1 
ATOM 738 H HB3  . LYS A 1 46 ? 11.290  8.229   6.168   1.00 0.44 ? 46 LYS A HB3  1 
ATOM 739 H HG2  . LYS A 1 46 ? 11.580  6.638   8.718   1.00 0.90 ? 46 LYS A HG2  1 
ATOM 740 H HG3  . LYS A 1 46 ? 12.449  8.089   8.235   1.00 0.93 ? 46 LYS A HG3  1 
ATOM 741 H HD2  . LYS A 1 46 ? 9.615   8.603   8.194   1.00 0.40 ? 46 LYS A HD2  1 
ATOM 742 H HD3  . LYS A 1 46 ? 10.081  7.959   9.759   1.00 0.49 ? 46 LYS A HD3  1 
ATOM 743 H HE2  . LYS A 1 46 ? 11.520  10.222  8.372   1.00 0.87 ? 46 LYS A HE2  1 
ATOM 744 H HE3  . LYS A 1 46 ? 10.243  10.461  9.564   1.00 0.84 ? 46 LYS A HE3  1 
ATOM 745 H HZ1  . LYS A 1 46 ? 11.567  9.191   11.156  1.00 0.98 ? 46 LYS A HZ1  1 
ATOM 746 H HZ2  . LYS A 1 46 ? 12.401  10.564  10.608  1.00 1.20 ? 46 LYS A HZ2  1 
ATOM 747 H HZ3  . LYS A 1 46 ? 12.807  9.027   10.011  1.00 1.21 ? 46 LYS A HZ3  1 
ATOM 748 N N    . GLU A 1 47 ? 8.151   6.995   4.798   1.00 0.14 ? 47 GLU A N    1 
ATOM 749 C CA   . GLU A 1 47 ? 7.634   6.554   3.521   1.00 0.14 ? 47 GLU A CA   1 
ATOM 750 C C    . GLU A 1 47 ? 7.482   5.048   3.688   1.00 0.15 ? 47 GLU A C    1 
ATOM 751 O O    . GLU A 1 47 ? 8.115   4.251   2.998   1.00 0.20 ? 47 GLU A O    1 
ATOM 752 C CB   . GLU A 1 47 ? 8.611   6.898   2.399   1.00 0.21 ? 47 GLU A CB   1 
ATOM 753 C CG   . GLU A 1 47 ? 8.862   8.402   2.391   1.00 0.34 ? 47 GLU A CG   1 
ATOM 754 C CD   . GLU A 1 47 ? 10.215  8.704   1.745   1.00 1.34 ? 47 GLU A CD   1 
ATOM 755 O OE1  . GLU A 1 47 ? 10.493  8.131   0.705   1.00 2.18 ? 47 GLU A OE1  1 
ATOM 756 O OE2  . GLU A 1 47 ? 10.946  9.512   2.300   1.00 1.98 ? 47 GLU A OE2  1 
ATOM 757 H H    . GLU A 1 47 ? 7.663   7.654   5.331   1.00 0.15 ? 47 GLU A H    1 
ATOM 758 H HA   . GLU A 1 47 ? 6.669   7.003   3.335   1.00 0.15 ? 47 GLU A HA   1 
ATOM 759 H HB2  . GLU A 1 47 ? 9.544   6.375   2.555   1.00 0.24 ? 47 GLU A HB2  1 
ATOM 760 H HB3  . GLU A 1 47 ? 8.188   6.602   1.453   1.00 0.29 ? 47 GLU A HB3  1 
ATOM 761 H HG2  . GLU A 1 47 ? 8.079   8.892   1.830   1.00 0.94 ? 47 GLU A HG2  1 
ATOM 762 H HG3  . GLU A 1 47 ? 8.860   8.771   3.405   1.00 0.93 ? 47 GLU A HG3  1 
ATOM 763 N N    . TYR A 1 48 ? 6.628   4.699   4.651   1.00 0.13 ? 48 TYR A N    1 
ATOM 764 C CA   . TYR A 1 48 ? 6.420   3.322   5.072   1.00 0.15 ? 48 TYR A CA   1 
ATOM 765 C C    . TYR A 1 48 ? 6.410   2.323   3.917   1.00 0.18 ? 48 TYR A C    1 
ATOM 766 O O    . TYR A 1 48 ? 5.944   2.611   2.818   1.00 0.25 ? 48 TYR A O    1 
ATOM 767 C CB   . TYR A 1 48 ? 5.113   3.198   5.834   1.00 0.17 ? 48 TYR A CB   1 
ATOM 768 C CG   . TYR A 1 48 ? 5.257   2.030   6.765   1.00 0.19 ? 48 TYR A CG   1 
ATOM 769 C CD1  . TYR A 1 48 ? 5.007   0.739   6.300   1.00 0.20 ? 48 TYR A CD1  1 
ATOM 770 C CD2  . TYR A 1 48 ? 5.751   2.228   8.057   1.00 0.23 ? 48 TYR A CD2  1 
ATOM 771 C CE1  . TYR A 1 48 ? 5.265   -0.360  7.118   1.00 0.21 ? 48 TYR A CE1  1 
ATOM 772 C CE2  . TYR A 1 48 ? 6.009   1.136   8.880   1.00 0.25 ? 48 TYR A CE2  1 
ATOM 773 C CZ   . TYR A 1 48 ? 5.767   -0.165  8.413   1.00 0.23 ? 48 TYR A CZ   1 
ATOM 774 O OH   . TYR A 1 48 ? 6.020   -1.252  9.226   1.00 0.26 ? 48 TYR A OH   1 
ATOM 775 H H    . TYR A 1 48 ? 6.093   5.400   5.079   1.00 0.13 ? 48 TYR A H    1 
ATOM 776 H HA   . TYR A 1 48 ? 7.219   3.059   5.751   1.00 0.14 ? 48 TYR A HA   1 
ATOM 777 H HB2  . TYR A 1 48 ? 4.926   4.099   6.398   1.00 0.18 ? 48 TYR A HB2  1 
ATOM 778 H HB3  . TYR A 1 48 ? 4.301   3.017   5.147   1.00 0.20 ? 48 TYR A HB3  1 
ATOM 779 H HD1  . TYR A 1 48 ? 4.609   0.590   5.307   1.00 0.22 ? 48 TYR A HD1  1 
ATOM 780 H HD2  . TYR A 1 48 ? 5.935   3.228   8.418   1.00 0.26 ? 48 TYR A HD2  1 
ATOM 781 H HE1  . TYR A 1 48 ? 5.102   -1.357  6.740   1.00 0.23 ? 48 TYR A HE1  1 
ATOM 782 H HE2  . TYR A 1 48 ? 6.410   1.297   9.869   1.00 0.30 ? 48 TYR A HE2  1 
ATOM 783 H HH   . TYR A 1 48 ? 5.548   -1.121  10.051  1.00 0.94 ? 48 TYR A HH   1 
ATOM 784 N N    . VAL A 1 49 ? 6.919   1.132   4.205   1.00 0.18 ? 49 VAL A N    1 
ATOM 785 C CA   . VAL A 1 49 ? 6.948   0.055   3.229   1.00 0.23 ? 49 VAL A CA   1 
ATOM 786 C C    . VAL A 1 49 ? 5.824   -0.939  3.533   1.00 0.28 ? 49 VAL A C    1 
ATOM 787 O O    . VAL A 1 49 ? 5.923   -1.747  4.453   1.00 0.40 ? 49 VAL A O    1 
ATOM 788 C CB   . VAL A 1 49 ? 8.296   -0.656  3.281   1.00 0.32 ? 49 VAL A CB   1 
ATOM 789 C CG1  . VAL A 1 49 ? 8.353   -1.719  2.189   1.00 1.21 ? 49 VAL A CG1  1 
ATOM 790 C CG2  . VAL A 1 49 ? 9.412   0.359   3.062   1.00 1.04 ? 49 VAL A CG2  1 
ATOM 791 H H    . VAL A 1 49 ? 7.291   0.977   5.102   1.00 0.18 ? 49 VAL A H    1 
ATOM 792 H HA   . VAL A 1 49 ? 6.800   0.463   2.249   1.00 0.25 ? 49 VAL A HA   1 
ATOM 793 H HB   . VAL A 1 49 ? 8.418   -1.126  4.246   1.00 0.98 ? 49 VAL A HB   1 
ATOM 794 H HG11 . VAL A 1 49 ? 7.593   -2.464  2.370   1.00 1.74 ? 49 VAL A HG11 1 
ATOM 795 H HG12 . VAL A 1 49 ? 9.326   -2.189  2.194   1.00 1.80 ? 49 VAL A HG12 1 
ATOM 796 H HG13 . VAL A 1 49 ? 8.182   -1.256  1.228   1.00 1.82 ? 49 VAL A HG13 1 
ATOM 797 H HG21 . VAL A 1 49 ? 9.303   0.808   2.086   1.00 1.71 ? 49 VAL A HG21 1 
ATOM 798 H HG22 . VAL A 1 49 ? 10.369  -0.138  3.126   1.00 1.68 ? 49 VAL A HG22 1 
ATOM 799 H HG23 . VAL A 1 49 ? 9.355   1.127   3.820   1.00 1.50 ? 49 VAL A HG23 1 
ATOM 800 N N    . PRO A 1 50 ? 4.736   -0.887  2.751   1.00 0.29 ? 50 PRO A N    1 
ATOM 801 C CA   . PRO A 1 50 ? 3.576   -1.753  2.934   1.00 0.39 ? 50 PRO A CA   1 
ATOM 802 C C    . PRO A 1 50 ? 3.780   -3.161  2.366   1.00 0.38 ? 50 PRO A C    1 
ATOM 803 O O    . PRO A 1 50 ? 3.784   -4.141  3.109   1.00 0.43 ? 50 PRO A O    1 
ATOM 804 C CB   . PRO A 1 50 ? 2.464   -1.021  2.198   1.00 0.46 ? 50 PRO A CB   1 
ATOM 805 C CG   . PRO A 1 50 ? 3.168   -0.186  1.134   1.00 0.42 ? 50 PRO A CG   1 
ATOM 806 C CD   . PRO A 1 50 ? 4.601   0.025   1.620   1.00 0.32 ? 50 PRO A CD   1 
ATOM 807 H HA   . PRO A 1 50 ? 3.329   -1.812  3.982   1.00 0.48 ? 50 PRO A HA   1 
ATOM 808 H HB2  . PRO A 1 50 ? 1.790   -1.740  1.750   1.00 0.50 ? 50 PRO A HB2  1 
ATOM 809 H HB3  . PRO A 1 50 ? 1.925   -0.388  2.883   1.00 0.55 ? 50 PRO A HB3  1 
ATOM 810 H HG2  . PRO A 1 50 ? 3.171   -0.716  0.193   1.00 0.41 ? 50 PRO A HG2  1 
ATOM 811 H HG3  . PRO A 1 50 ? 2.677   0.769   1.035   1.00 0.51 ? 50 PRO A HG3  1 
ATOM 812 H HD2  . PRO A 1 50 ? 5.315   -0.229  0.850   1.00 0.32 ? 50 PRO A HD2  1 
ATOM 813 H HD3  . PRO A 1 50 ? 4.756   1.040   1.950   1.00 0.39 ? 50 PRO A HD3  1 
ATOM 814 N N    . GLY A 1 51 ? 3.942   -3.263  1.054   1.00 0.35 ? 51 GLY A N    1 
ATOM 815 C CA   . GLY A 1 51 ? 4.135   -4.559  0.427   1.00 0.40 ? 51 GLY A CA   1 
ATOM 816 C C    . GLY A 1 51 ? 4.307   -4.385  -1.076  1.00 0.35 ? 51 GLY A C    1 
ATOM 817 O O    . GLY A 1 51 ? 5.240   -4.918  -1.675  1.00 0.46 ? 51 GLY A O    1 
ATOM 818 H H    . GLY A 1 51 ? 3.936   -2.454  0.494   1.00 0.34 ? 51 GLY A H    1 
ATOM 819 H HA2  . GLY A 1 51 ? 5.016   -5.027  0.839   1.00 0.46 ? 51 GLY A HA2  1 
ATOM 820 H HA3  . GLY A 1 51 ? 3.275   -5.182  0.617   1.00 0.47 ? 51 GLY A HA3  1 
ATOM 821 N N    . LEU A 1 52 ? 3.396   -3.645  -1.678  1.00 0.29 ? 52 LEU A N    1 
ATOM 822 C CA   . LEU A 1 52 ? 3.472   -3.390  -3.104  1.00 0.32 ? 52 LEU A CA   1 
ATOM 823 C C    . LEU A 1 52 ? 4.289   -2.119  -3.334  1.00 0.35 ? 52 LEU A C    1 
ATOM 824 O O    . LEU A 1 52 ? 5.452   -2.187  -3.732  1.00 0.43 ? 52 LEU A O    1 
ATOM 825 C CB   . LEU A 1 52 ? 2.070   -3.246  -3.691  1.00 0.36 ? 52 LEU A CB   1 
ATOM 826 C CG   . LEU A 1 52 ? 1.232   -4.466  -3.317  1.00 0.44 ? 52 LEU A CG   1 
ATOM 827 C CD1  . LEU A 1 52 ? -0.167  -4.324  -3.908  1.00 1.14 ? 52 LEU A CD1  1 
ATOM 828 C CD2  . LEU A 1 52 ? 1.888   -5.729  -3.869  1.00 1.06 ? 52 LEU A CD2  1 
ATOM 829 H H    . LEU A 1 52 ? 2.664   -3.259  -1.152  1.00 0.34 ? 52 LEU A H    1 
ATOM 830 H HA   . LEU A 1 52 ? 3.972   -4.216  -3.583  1.00 0.38 ? 52 LEU A HA   1 
ATOM 831 H HB2  . LEU A 1 52 ? 1.604   -2.355  -3.300  1.00 0.43 ? 52 LEU A HB2  1 
ATOM 832 H HB3  . LEU A 1 52 ? 2.136   -3.175  -4.766  1.00 0.49 ? 52 LEU A HB3  1 
ATOM 833 H HG   . LEU A 1 52 ? 1.161   -4.536  -2.242  1.00 1.04 ? 52 LEU A HG   1 
ATOM 834 H HD11 . LEU A 1 52 ? -0.630  -3.427  -3.523  1.00 1.64 ? 52 LEU A HD11 1 
ATOM 835 H HD12 . LEU A 1 52 ? -0.761  -5.182  -3.632  1.00 1.46 ? 52 LEU A HD12 1 
ATOM 836 H HD13 . LEU A 1 52 ? -0.099  -4.262  -4.983  1.00 1.84 ? 52 LEU A HD13 1 
ATOM 837 H HD21 . LEU A 1 52 ? 1.973   -5.652  -4.942  1.00 1.62 ? 52 LEU A HD21 1 
ATOM 838 H HD22 . LEU A 1 52 ? 1.284   -6.588  -3.617  1.00 1.69 ? 52 LEU A HD22 1 
ATOM 839 H HD23 . LEU A 1 52 ? 2.871   -5.842  -3.437  1.00 1.61 ? 52 LEU A HD23 1 
ATOM 840 N N    . GLU A 1 53 ? 3.681   -0.966  -3.081  1.00 0.35 ? 53 GLU A N    1 
ATOM 841 C CA   . GLU A 1 53 ? 4.377   0.299   -3.240  1.00 0.46 ? 53 GLU A CA   1 
ATOM 842 C C    . GLU A 1 53 ? 4.987   0.369   -4.641  1.00 0.49 ? 53 GLU A C    1 
ATOM 843 O O    . GLU A 1 53 ? 6.085   0.885   -4.838  1.00 0.69 ? 53 GLU A O    1 
ATOM 844 C CB   . GLU A 1 53 ? 5.464   0.402   -2.177  1.00 0.62 ? 53 GLU A CB   1 
ATOM 845 C CG   . GLU A 1 53 ? 6.020   1.820   -2.127  1.00 0.76 ? 53 GLU A CG   1 
ATOM 846 C CD   . GLU A 1 53 ? 7.099   1.908   -1.050  1.00 0.85 ? 53 GLU A CD   1 
ATOM 847 O OE1  . GLU A 1 53 ? 6.818   1.529   0.074   1.00 1.45 ? 53 GLU A OE1  1 
ATOM 848 O OE2  . GLU A 1 53 ? 8.187   2.360   -1.363  1.00 1.47 ? 53 GLU A OE2  1 
ATOM 849 H H    . GLU A 1 53 ? 2.748   -0.964  -2.799  1.00 0.32 ? 53 GLU A H    1 
ATOM 850 H HA   . GLU A 1 53 ? 3.677   1.111   -3.114  1.00 0.50 ? 53 GLU A HA   1 
ATOM 851 H HB2  . GLU A 1 53 ? 5.046   0.146   -1.215  1.00 0.90 ? 53 GLU A HB2  1 
ATOM 852 H HB3  . GLU A 1 53 ? 6.256   -0.287  -2.417  1.00 1.21 ? 53 GLU A HB3  1 
ATOM 853 H HG2  . GLU A 1 53 ? 6.448   2.077   -3.085  1.00 1.42 ? 53 GLU A HG2  1 
ATOM 854 H HG3  . GLU A 1 53 ? 5.224   2.511   -1.892  1.00 1.16 ? 53 GLU A HG3  1 
ATOM 855 N N    . HIS A 1 54 ? 4.255   -0.179  -5.598  1.00 0.58 ? 54 HIS A N    1 
ATOM 856 C CA   . HIS A 1 54 ? 4.689   -0.199  -6.988  1.00 0.75 ? 54 HIS A CA   1 
ATOM 857 C C    . HIS A 1 54 ? 5.702   -1.325  -7.195  1.00 0.87 ? 54 HIS A C    1 
ATOM 858 O O    . HIS A 1 54 ? 6.801   -1.110  -7.703  1.00 1.01 ? 54 HIS A O    1 
ATOM 859 C CB   . HIS A 1 54 ? 5.309   1.140   -7.374  1.00 0.77 ? 54 HIS A CB   1 
ATOM 860 C CG   . HIS A 1 54 ? 5.197   1.332   -8.860  1.00 1.04 ? 54 HIS A CG   1 
ATOM 861 N ND1  . HIS A 1 54 ? 6.119   0.798   -9.746  1.00 1.64 ? 54 HIS A ND1  1 
ATOM 862 C CD2  . HIS A 1 54 ? 4.277   1.995   -9.632  1.00 1.84 ? 54 HIS A CD2  1 
ATOM 863 C CE1  . HIS A 1 54 ? 5.737   1.145   -10.987 1.00 2.00 ? 54 HIS A CE1  1 
ATOM 864 N NE2  . HIS A 1 54 ? 4.620   1.876   -10.976 1.00 2.11 ? 54 HIS A NE2  1 
ATOM 865 H H    . HIS A 1 54 ? 3.401   -0.594  -5.356  1.00 0.69 ? 54 HIS A H    1 
ATOM 866 H HA   . HIS A 1 54 ? 3.831   -0.382  -7.618  1.00 1.01 ? 54 HIS A HA   1 
ATOM 867 H HB2  . HIS A 1 54 ? 4.787   1.938   -6.867  1.00 1.15 ? 54 HIS A HB2  1 
ATOM 868 H HB3  . HIS A 1 54 ? 6.349   1.151   -7.088  1.00 0.93 ? 54 HIS A HB3  1 
ATOM 869 H HD1  . HIS A 1 54 ? 6.904   0.261   -9.511  1.00 2.23 ? 54 HIS A HD1  1 
ATOM 870 H HD2  . HIS A 1 54 ? 3.418   2.529   -9.255  1.00 2.58 ? 54 HIS A HD2  1 
ATOM 871 H HE1  . HIS A 1 54 ? 6.269   0.867   -11.885 1.00 2.64 ? 54 HIS A HE1  1 
ATOM 872 N N    . HIS A 1 55 ? 5.317   -2.529  -6.795  1.00 1.59 ? 55 HIS A N    1 
ATOM 873 C CA   . HIS A 1 55 ? 6.188   -3.684  -6.939  1.00 1.93 ? 55 HIS A CA   1 
ATOM 874 C C    . HIS A 1 55 ? 6.135   -4.200  -8.376  1.00 2.58 ? 55 HIS A C    1 
ATOM 875 O O    . HIS A 1 55 ? 5.068   -4.275  -8.982  1.00 3.32 ? 55 HIS A O    1 
ATOM 876 C CB   . HIS A 1 55 ? 5.741   -4.784  -5.981  1.00 2.79 ? 55 HIS A CB   1 
ATOM 877 C CG   . HIS A 1 55 ? 6.413   -6.078  -6.355  1.00 3.15 ? 55 HIS A CG   1 
ATOM 878 N ND1  . HIS A 1 55 ? 7.741   -6.335  -6.053  1.00 3.75 ? 55 HIS A ND1  1 
ATOM 879 C CD2  . HIS A 1 55 ? 5.951   -7.198  -7.003  1.00 3.58 ? 55 HIS A CD2  1 
ATOM 880 C CE1  . HIS A 1 55 ? 8.031   -7.565  -6.517  1.00 4.31 ? 55 HIS A CE1  1 
ATOM 881 N NE2  . HIS A 1 55 ? 6.975   -8.134  -7.105  1.00 4.24 ? 55 HIS A NE2  1 
ATOM 882 H H    . HIS A 1 55 ? 4.432   -2.642  -6.394  1.00 2.09 ? 55 HIS A H    1 
ATOM 883 H HA   . HIS A 1 55 ? 7.201   -3.398  -6.700  1.00 1.62 ? 55 HIS A HA   1 
ATOM 884 H HB2  . HIS A 1 55 ? 6.013   -4.514  -4.972  1.00 3.16 ? 55 HIS A HB2  1 
ATOM 885 H HB3  . HIS A 1 55 ? 4.670   -4.905  -6.045  1.00 3.32 ? 55 HIS A HB3  1 
ATOM 886 H HD1  . HIS A 1 55 ? 8.358   -5.731  -5.590  1.00 4.04 ? 55 HIS A HD1  1 
ATOM 887 H HD2  . HIS A 1 55 ? 4.948   -7.330  -7.380  1.00 3.77 ? 55 HIS A HD2  1 
ATOM 888 H HE1  . HIS A 1 55 ? 9.000   -8.033  -6.426  1.00 5.00 ? 55 HIS A HE1  1 
ATOM 889 N N    . HIS A 1 56 ? 7.292   -4.555  -8.913  1.00 2.77 ? 56 HIS A N    1 
ATOM 890 C CA   . HIS A 1 56 ? 7.362   -5.057  -10.276 1.00 3.66 ? 56 HIS A CA   1 
ATOM 891 C C    . HIS A 1 56 ? 7.485   -6.580  -10.263 1.00 4.41 ? 56 HIS A C    1 
ATOM 892 O O    . HIS A 1 56 ? 6.585   -7.232  -10.763 1.00 4.93 ? 56 HIS A O    1 
ATOM 893 C CB   . HIS A 1 56 ? 8.569   -4.451  -10.982 1.00 3.99 ? 56 HIS A CB   1 
ATOM 894 C CG   . HIS A 1 56 ? 8.527   -2.952  -10.857 1.00 4.27 ? 56 HIS A CG   1 
ATOM 895 N ND1  . HIS A 1 56 ? 8.022   -2.140  -11.859 1.00 4.75 ? 56 HIS A ND1  1 
ATOM 896 C CD2  . HIS A 1 56 ? 8.932   -2.104  -9.854  1.00 4.75 ? 56 HIS A CD2  1 
ATOM 897 C CE1  . HIS A 1 56 ? 8.136   -0.866  -11.442 1.00 5.41 ? 56 HIS A CE1  1 
ATOM 898 N NE2  . HIS A 1 56 ? 8.683   -0.788  -10.226 1.00 5.46 ? 56 HIS A NE2  1 
ATOM 899 H H    . HIS A 1 56 ? 8.112   -4.483  -8.382  1.00 2.59 ? 56 HIS A H    1 
ATOM 900 H HA   . HIS A 1 56 ? 6.464   -4.777  -10.804 1.00 4.02 ? 56 HIS A HA   1 
ATOM 901 H HB2  . HIS A 1 56 ? 9.477   -4.825  -10.531 1.00 3.92 ? 56 HIS A HB2  1 
ATOM 902 H HB3  . HIS A 1 56 ? 8.549   -4.723  -12.027 1.00 4.64 ? 56 HIS A HB3  1 
ATOM 903 H HD1  . HIS A 1 56 ? 7.647   -2.438  -12.714 1.00 4.92 ? 56 HIS A HD1  1 
ATOM 904 H HD2  . HIS A 1 56 ? 9.374   -2.414  -8.918  1.00 4.93 ? 56 HIS A HD2  1 
ATOM 905 H HE1  . HIS A 1 56 ? 7.823   -0.010  -12.022 1.00 6.10 ? 56 HIS A HE1  1 
# 
